data_1SSF
#
_entry.id   1SSF
#
_entity_poly.entity_id   1
_entity_poly.type   'polypeptide(L)'
_entity_poly.pdbx_seq_one_letter_code
;GDSSSSGNSFVGLRVVAKWSSNGYFYSGKITRDVGAGKYKLLFDDGYECDVLGKDILLCDPIPLDTEVTALSEDEYFSAG
VVKGHRKESGELYYSIEKEGQRKWYKRMAVILSLEQGNRLREQYGLGPYEAVTPLTKAADISLDNLVEGKRKRRSN
;
_entity_poly.pdbx_strand_id   A
#
# COMPACT_ATOMS: atom_id res chain seq x y z
N ASN A 8 0.85 11.84 -19.73
CA ASN A 8 0.20 11.68 -18.46
C ASN A 8 0.43 10.22 -18.08
N SER A 9 0.35 9.84 -16.77
CA SER A 9 0.60 8.46 -16.32
C SER A 9 0.07 8.17 -14.92
N PHE A 10 0.93 7.86 -13.91
CA PHE A 10 0.55 7.48 -12.56
C PHE A 10 1.00 8.52 -11.55
N VAL A 11 0.87 9.82 -11.90
CA VAL A 11 1.15 10.93 -10.97
C VAL A 11 0.11 11.24 -9.88
N GLY A 12 -0.95 10.40 -9.76
CA GLY A 12 -2.02 10.44 -8.77
C GLY A 12 -2.34 9.04 -8.28
N LEU A 13 -1.29 8.18 -8.26
CA LEU A 13 -1.14 6.78 -7.85
C LEU A 13 -1.49 6.46 -6.38
N ARG A 14 -1.63 5.14 -6.04
CA ARG A 14 -2.05 4.48 -4.81
C ARG A 14 -0.79 3.88 -4.18
N VAL A 15 -0.32 4.27 -2.97
CA VAL A 15 1.02 3.85 -2.50
C VAL A 15 1.10 3.11 -1.19
N VAL A 16 2.28 2.53 -0.93
CA VAL A 16 2.65 1.75 0.25
C VAL A 16 3.76 2.51 0.90
N ALA A 17 3.85 2.43 2.25
CA ALA A 17 4.72 3.21 3.09
C ALA A 17 5.56 2.37 4.04
N LYS A 18 6.86 2.29 3.73
CA LYS A 18 7.91 1.61 4.46
C LYS A 18 9.01 2.66 4.56
N TRP A 19 9.55 3.02 5.75
CA TRP A 19 10.71 3.93 5.83
C TRP A 19 12.04 3.15 5.83
N SER A 20 12.19 2.16 6.74
CA SER A 20 13.28 1.21 6.79
C SER A 20 12.65 -0.14 6.46
N SER A 21 13.37 -1.09 5.77
CA SER A 21 12.79 -2.44 5.54
C SER A 21 13.00 -3.27 6.79
N ASN A 22 11.87 -3.48 7.48
CA ASN A 22 11.71 -4.06 8.79
C ASN A 22 10.69 -5.18 8.77
N GLY A 23 10.29 -5.52 7.55
CA GLY A 23 9.43 -6.60 7.18
C GLY A 23 8.00 -6.29 6.87
N TYR A 24 7.39 -5.14 7.28
CA TYR A 24 6.02 -4.70 6.92
C TYR A 24 5.83 -3.23 6.53
N PHE A 25 4.83 -2.92 5.63
CA PHE A 25 4.48 -1.60 5.09
C PHE A 25 3.05 -1.22 5.46
N TYR A 26 2.90 0.11 5.61
CA TYR A 26 1.75 0.94 5.85
C TYR A 26 1.26 1.47 4.51
N SER A 27 0.25 2.36 4.48
CA SER A 27 -0.31 2.96 3.28
C SER A 27 0.00 4.46 3.09
N GLY A 28 0.06 4.86 1.80
CA GLY A 28 0.31 6.17 1.22
C GLY A 28 -0.56 6.46 -0.01
N LYS A 29 -0.65 7.73 -0.49
CA LYS A 29 -1.23 8.08 -1.81
C LYS A 29 -0.36 9.09 -2.59
N ILE A 30 -0.03 8.98 -3.95
CA ILE A 30 0.78 10.10 -4.54
C ILE A 30 0.02 11.35 -5.03
N THR A 31 0.76 12.49 -5.08
CA THR A 31 0.33 13.82 -5.53
C THR A 31 1.02 14.21 -6.84
N ARG A 32 2.32 13.81 -7.05
CA ARG A 32 3.04 14.13 -8.27
C ARG A 32 4.13 13.08 -8.34
N ASP A 33 4.82 12.91 -9.50
CA ASP A 33 6.00 12.02 -9.59
C ASP A 33 7.28 12.86 -9.45
N VAL A 34 8.27 12.43 -8.61
CA VAL A 34 9.57 13.10 -8.44
C VAL A 34 10.56 12.18 -9.12
N GLY A 35 11.39 12.67 -10.08
CA GLY A 35 12.45 11.98 -10.85
C GLY A 35 12.32 10.53 -11.32
N ALA A 36 13.44 9.79 -11.34
CA ALA A 36 13.51 8.36 -11.61
C ALA A 36 13.76 7.63 -10.31
N GLY A 37 12.73 6.84 -9.89
CA GLY A 37 12.70 6.07 -8.69
C GLY A 37 11.92 6.70 -7.59
N LYS A 38 11.56 8.01 -7.67
CA LYS A 38 10.91 8.73 -6.59
C LYS A 38 9.42 8.98 -6.84
N TYR A 39 8.69 9.34 -5.74
CA TYR A 39 7.26 9.62 -5.66
C TYR A 39 7.05 10.81 -4.69
N LYS A 40 6.15 11.82 -4.99
CA LYS A 40 5.83 13.03 -4.18
C LYS A 40 4.45 12.72 -3.73
N LEU A 41 4.43 12.42 -2.42
CA LEU A 41 3.34 11.72 -1.84
C LEU A 41 2.81 12.21 -0.56
N LEU A 42 1.58 11.84 -0.24
CA LEU A 42 1.04 12.17 1.04
C LEU A 42 0.49 10.93 1.62
N PHE A 43 0.57 10.61 2.94
CA PHE A 43 -0.06 9.39 3.49
C PHE A 43 -1.60 9.45 3.40
N ASP A 44 -2.35 8.32 3.33
CA ASP A 44 -3.84 8.22 3.25
C ASP A 44 -4.64 8.90 4.39
N ASP A 45 -3.85 9.26 5.41
CA ASP A 45 -4.13 9.91 6.65
C ASP A 45 -3.46 11.31 6.77
N GLY A 46 -2.72 11.85 5.74
CA GLY A 46 -2.28 13.25 5.68
C GLY A 46 -0.88 13.61 6.10
N TYR A 47 0.16 12.80 5.78
CA TYR A 47 1.55 13.11 6.14
C TYR A 47 2.34 13.16 4.84
N GLU A 48 2.68 14.37 4.31
CA GLU A 48 3.37 14.55 3.02
C GLU A 48 4.85 14.79 3.04
N CYS A 49 5.48 14.34 1.92
CA CYS A 49 6.90 14.35 1.77
C CYS A 49 7.19 14.13 0.30
N ASP A 50 8.48 14.14 -0.08
CA ASP A 50 8.93 13.64 -1.38
C ASP A 50 9.97 12.64 -0.92
N VAL A 51 10.01 11.44 -1.52
CA VAL A 51 10.92 10.38 -1.11
C VAL A 51 11.30 9.55 -2.29
N LEU A 52 12.35 8.70 -2.12
CA LEU A 52 12.74 7.67 -3.07
C LEU A 52 11.90 6.45 -2.80
N GLY A 53 11.48 5.79 -3.91
CA GLY A 53 10.25 5.04 -4.01
C GLY A 53 10.21 3.73 -3.32
N LYS A 54 11.37 3.00 -3.18
CA LYS A 54 11.53 1.68 -2.54
C LYS A 54 11.13 1.61 -1.03
N ASP A 55 10.69 2.78 -0.53
CA ASP A 55 10.12 3.21 0.72
C ASP A 55 8.65 3.52 0.44
N ILE A 56 8.30 4.67 -0.22
CA ILE A 56 6.90 5.03 -0.52
C ILE A 56 6.65 5.07 -2.05
N LEU A 57 6.00 3.99 -2.57
CA LEU A 57 5.81 3.67 -4.01
C LEU A 57 4.50 3.21 -4.55
N LEU A 58 4.33 3.32 -5.91
CA LEU A 58 3.28 2.86 -6.80
C LEU A 58 2.85 1.44 -6.73
N CYS A 59 1.72 1.28 -6.08
CA CYS A 59 1.08 0.08 -5.73
C CYS A 59 -0.33 0.16 -6.30
N ASP A 60 -1.05 -0.96 -6.13
CA ASP A 60 -2.50 -1.17 -6.27
C ASP A 60 -3.15 -0.78 -4.90
N PRO A 61 -2.66 -1.12 -3.66
CA PRO A 61 -1.44 -1.85 -3.26
C PRO A 61 -1.25 -3.21 -3.84
N ILE A 62 -1.90 -4.26 -3.33
CA ILE A 62 -1.41 -5.61 -3.55
C ILE A 62 -2.43 -6.55 -4.19
N PRO A 63 -2.03 -7.71 -4.81
CA PRO A 63 -2.82 -8.59 -5.66
C PRO A 63 -4.17 -9.10 -5.14
N LEU A 64 -5.26 -8.92 -5.91
CA LEU A 64 -6.71 -9.24 -5.82
C LEU A 64 -7.26 -10.60 -5.38
N ASP A 65 -6.31 -11.33 -4.80
CA ASP A 65 -6.24 -12.68 -4.35
C ASP A 65 -5.38 -12.72 -3.09
N THR A 66 -5.32 -11.62 -2.27
CA THR A 66 -4.23 -11.54 -1.29
C THR A 66 -4.68 -11.62 0.07
N GLU A 67 -4.40 -12.79 0.66
CA GLU A 67 -4.36 -13.00 2.11
C GLU A 67 -3.16 -12.20 2.69
N VAL A 68 -3.48 -10.96 3.14
CA VAL A 68 -2.74 -9.82 3.69
C VAL A 68 -3.09 -9.79 5.11
N THR A 69 -2.41 -8.90 5.85
CA THR A 69 -2.61 -8.80 7.29
C THR A 69 -3.57 -7.65 7.56
N ALA A 70 -4.43 -7.79 8.59
CA ALA A 70 -5.45 -6.87 9.02
C ALA A 70 -5.11 -6.30 10.38
N LEU A 71 -5.37 -4.99 10.65
CA LEU A 71 -4.95 -4.32 11.89
C LEU A 71 -5.59 -4.82 13.21
N SER A 72 -4.75 -5.68 13.76
CA SER A 72 -4.69 -6.47 14.96
C SER A 72 -3.22 -6.22 15.32
N GLU A 73 -2.76 -6.58 16.53
CA GLU A 73 -1.44 -6.32 17.13
C GLU A 73 -0.13 -6.37 16.31
N ASP A 74 0.91 -5.70 16.87
CA ASP A 74 2.20 -5.33 16.26
C ASP A 74 3.06 -6.38 15.56
N GLU A 75 3.33 -7.52 16.21
CA GLU A 75 4.03 -8.65 15.63
C GLU A 75 3.06 -9.82 15.46
N TYR A 76 1.82 -9.62 15.96
CA TYR A 76 0.87 -10.68 16.25
C TYR A 76 -0.43 -10.61 15.46
N PHE A 77 -0.54 -9.66 14.49
CA PHE A 77 -1.64 -9.45 13.53
C PHE A 77 -2.05 -10.63 12.63
N SER A 78 -3.34 -10.61 12.20
CA SER A 78 -4.00 -11.75 11.53
C SER A 78 -4.41 -11.44 10.10
N ALA A 79 -4.49 -12.48 9.21
CA ALA A 79 -4.78 -12.34 7.77
C ALA A 79 -6.22 -12.47 7.27
N GLY A 80 -6.48 -11.77 6.12
CA GLY A 80 -7.74 -11.66 5.40
C GLY A 80 -7.36 -11.22 4.02
N VAL A 81 -8.29 -11.32 3.07
CA VAL A 81 -8.02 -11.24 1.65
C VAL A 81 -8.40 -9.98 0.93
N VAL A 82 -7.47 -9.22 0.27
CA VAL A 82 -7.91 -8.18 -0.71
C VAL A 82 -8.63 -8.79 -1.93
N LYS A 83 -9.86 -8.26 -2.25
CA LYS A 83 -10.70 -8.71 -3.36
C LYS A 83 -11.25 -7.54 -4.16
N GLY A 84 -11.83 -6.48 -3.51
CA GLY A 84 -12.36 -5.33 -4.26
C GLY A 84 -11.96 -4.04 -3.59
N HIS A 85 -11.41 -3.05 -4.35
CA HIS A 85 -10.99 -1.79 -3.77
C HIS A 85 -11.19 -0.62 -4.69
N ARG A 86 -11.25 0.60 -4.08
CA ARG A 86 -11.56 1.79 -4.81
C ARG A 86 -10.92 2.96 -4.13
N LYS A 87 -10.78 4.10 -4.82
CA LYS A 87 -10.44 5.33 -4.13
C LYS A 87 -11.29 6.42 -4.75
N GLU A 88 -12.00 7.19 -3.89
CA GLU A 88 -12.87 8.31 -4.21
C GLU A 88 -12.12 9.58 -3.81
N SER A 89 -12.49 10.77 -4.34
CA SER A 89 -11.89 12.08 -4.06
C SER A 89 -12.06 12.61 -2.63
N GLY A 90 -11.41 11.92 -1.66
CA GLY A 90 -11.43 12.18 -0.23
C GLY A 90 -12.06 11.07 0.58
N GLU A 91 -12.29 9.85 0.00
CA GLU A 91 -12.82 8.70 0.70
C GLU A 91 -12.05 7.52 0.15
N LEU A 92 -11.66 6.52 0.98
CA LEU A 92 -10.85 5.42 0.51
C LEU A 92 -11.44 4.13 1.04
N TYR A 93 -11.64 3.07 0.20
CA TYR A 93 -12.04 1.81 0.83
C TYR A 93 -11.44 0.60 0.15
N TYR A 94 -10.80 -0.28 0.97
CA TYR A 94 -10.18 -1.53 0.63
C TYR A 94 -11.05 -2.62 1.22
N SER A 95 -11.65 -3.57 0.41
CA SER A 95 -12.45 -4.69 0.95
C SER A 95 -11.55 -5.88 1.13
N ILE A 96 -11.37 -6.14 2.44
CA ILE A 96 -10.54 -7.16 3.02
C ILE A 96 -11.52 -8.26 3.37
N GLU A 97 -11.44 -9.47 2.76
CA GLU A 97 -12.40 -10.56 3.05
C GLU A 97 -11.87 -11.36 4.22
N LYS A 98 -12.59 -11.21 5.34
CA LYS A 98 -12.05 -11.55 6.64
C LYS A 98 -13.11 -12.15 7.53
N GLU A 99 -12.83 -13.31 8.19
CA GLU A 99 -13.69 -14.01 9.14
C GLU A 99 -14.99 -14.59 8.54
N GLY A 100 -15.09 -14.44 7.20
CA GLY A 100 -16.17 -14.92 6.34
C GLY A 100 -16.94 -13.78 5.73
N GLN A 101 -16.60 -12.53 6.11
CA GLN A 101 -17.27 -11.32 5.66
C GLN A 101 -16.31 -10.27 5.18
N ARG A 102 -16.81 -9.18 4.56
CA ARG A 102 -15.99 -8.16 3.96
C ARG A 102 -15.84 -6.96 4.86
N LYS A 103 -14.59 -6.58 5.16
CA LYS A 103 -14.31 -5.39 5.96
C LYS A 103 -13.83 -4.35 4.98
N TRP A 104 -14.57 -3.22 4.84
CA TRP A 104 -14.23 -2.13 3.96
C TRP A 104 -13.57 -1.08 4.85
N TYR A 105 -12.24 -0.94 4.70
CA TYR A 105 -11.41 -0.04 5.51
C TYR A 105 -10.65 0.85 4.59
N LYS A 106 -10.42 2.16 4.93
CA LYS A 106 -9.38 2.96 4.30
C LYS A 106 -8.02 2.39 4.69
N ARG A 107 -7.18 2.15 3.67
CA ARG A 107 -5.99 1.31 3.56
C ARG A 107 -5.08 1.05 4.74
N MET A 108 -5.04 1.96 5.74
CA MET A 108 -4.31 1.89 7.00
C MET A 108 -4.77 0.77 7.97
N ALA A 109 -6.00 0.15 7.78
CA ALA A 109 -6.43 -1.00 8.59
C ALA A 109 -6.06 -2.34 8.00
N VAL A 110 -5.24 -2.28 6.94
CA VAL A 110 -4.48 -3.33 6.34
C VAL A 110 -3.07 -2.86 6.33
N ILE A 111 -2.26 -3.89 6.43
CA ILE A 111 -0.81 -3.91 6.41
C ILE A 111 -0.45 -5.03 5.45
N LEU A 112 0.84 -5.06 5.03
CA LEU A 112 1.42 -6.15 4.25
C LEU A 112 2.86 -6.34 4.67
N SER A 113 3.43 -7.55 4.49
CA SER A 113 4.83 -7.85 4.81
C SER A 113 5.67 -7.83 3.54
N LEU A 114 7.06 -7.76 3.58
CA LEU A 114 7.96 -7.70 2.39
C LEU A 114 7.75 -8.80 1.41
N GLU A 115 7.76 -10.09 1.77
CA GLU A 115 7.57 -11.17 0.77
C GLU A 115 6.22 -11.30 0.05
N GLN A 116 5.16 -10.67 0.63
CA GLN A 116 3.86 -10.43 0.01
C GLN A 116 3.89 -9.17 -0.88
N GLY A 117 4.97 -8.37 -0.73
CA GLY A 117 5.43 -7.20 -1.44
C GLY A 117 6.44 -7.55 -2.53
N ASN A 118 7.40 -8.49 -2.28
CA ASN A 118 8.52 -8.95 -3.11
C ASN A 118 8.13 -9.83 -4.27
N ARG A 119 6.99 -10.53 -4.10
CA ARG A 119 6.37 -11.36 -5.12
C ARG A 119 5.91 -10.51 -6.35
N LEU A 120 5.46 -9.26 -5.99
CA LEU A 120 4.95 -8.08 -6.66
C LEU A 120 6.04 -7.17 -7.11
N ARG A 121 7.06 -6.85 -6.25
CA ARG A 121 8.08 -5.82 -6.39
C ARG A 121 8.72 -5.55 -7.76
N GLU A 122 8.81 -6.63 -8.57
CA GLU A 122 9.33 -6.75 -9.92
C GLU A 122 8.26 -6.51 -11.00
N GLN A 123 6.98 -6.85 -10.72
CA GLN A 123 5.82 -6.76 -11.59
C GLN A 123 4.93 -5.54 -11.35
N TYR A 124 4.64 -5.12 -10.07
CA TYR A 124 3.70 -4.00 -9.89
C TYR A 124 4.12 -2.87 -9.00
N GLY A 125 5.34 -2.71 -8.41
CA GLY A 125 5.42 -1.57 -7.56
C GLY A 125 6.64 -1.66 -6.76
N LEU A 126 6.73 -2.58 -5.73
CA LEU A 126 7.68 -2.67 -4.58
C LEU A 126 9.21 -2.55 -4.78
N GLY A 127 9.61 -2.08 -5.99
CA GLY A 127 10.94 -1.47 -6.21
C GLY A 127 11.21 -0.95 -7.61
N PRO A 128 11.11 0.34 -8.06
CA PRO A 128 11.51 0.72 -9.43
C PRO A 128 13.04 0.95 -9.55
N TYR A 129 13.70 1.29 -8.43
CA TYR A 129 15.10 1.59 -8.24
C TYR A 129 15.71 0.57 -7.28
N GLU A 130 17.05 0.40 -7.33
CA GLU A 130 17.84 -0.50 -6.49
C GLU A 130 18.56 0.23 -5.36
N ASN A 8 -2.76 13.85 -14.19
CA ASN A 8 -3.71 12.92 -13.65
C ASN A 8 -3.27 11.52 -14.01
N SER A 9 -2.10 11.41 -14.69
CA SER A 9 -1.51 10.17 -15.20
C SER A 9 -0.74 9.37 -14.14
N PHE A 10 -1.51 8.77 -13.21
CA PHE A 10 -1.10 7.93 -12.07
C PHE A 10 -0.56 8.64 -10.86
N VAL A 11 -0.29 9.95 -10.89
CA VAL A 11 0.22 10.75 -9.77
C VAL A 11 -0.69 10.97 -8.55
N GLY A 12 -1.88 10.31 -8.55
CA GLY A 12 -2.86 10.18 -7.47
C GLY A 12 -3.10 8.71 -7.11
N LEU A 13 -2.11 7.80 -7.39
CA LEU A 13 -2.06 6.36 -7.10
C LEU A 13 -1.94 5.93 -5.66
N ARG A 14 -2.14 4.61 -5.47
CA ARG A 14 -2.35 3.90 -4.24
C ARG A 14 -1.00 3.43 -3.76
N VAL A 15 -0.57 3.83 -2.55
CA VAL A 15 0.82 3.68 -2.18
C VAL A 15 1.01 2.92 -0.87
N VAL A 16 2.21 2.31 -0.72
CA VAL A 16 2.75 1.53 0.39
C VAL A 16 3.90 2.32 0.89
N ALA A 17 3.98 2.40 2.23
CA ALA A 17 4.86 3.27 2.96
C ALA A 17 5.74 2.46 3.88
N LYS A 18 7.01 2.36 3.49
CA LYS A 18 8.05 1.56 4.12
C LYS A 18 9.32 2.38 4.18
N TRP A 19 9.92 2.64 5.36
CA TRP A 19 11.22 3.28 5.51
C TRP A 19 12.42 2.28 5.61
N SER A 20 12.67 1.72 6.82
CA SER A 20 13.78 0.82 7.11
C SER A 20 13.22 -0.58 7.29
N SER A 21 14.00 -1.67 7.00
CA SER A 21 13.48 -3.06 7.06
C SER A 21 13.06 -3.55 8.45
N ASN A 22 11.72 -3.68 8.59
CA ASN A 22 10.96 -3.88 9.82
C ASN A 22 10.10 -5.11 9.75
N GLY A 23 10.03 -5.65 8.53
CA GLY A 23 9.19 -6.73 8.10
C GLY A 23 7.91 -6.30 7.46
N TYR A 24 7.42 -5.05 7.64
CA TYR A 24 6.22 -4.53 6.98
C TYR A 24 6.22 -3.12 6.43
N PHE A 25 5.22 -2.85 5.54
CA PHE A 25 4.89 -1.58 4.94
C PHE A 25 3.52 -1.23 5.46
N TYR A 26 3.38 0.07 5.73
CA TYR A 26 2.28 0.89 6.17
C TYR A 26 1.70 1.45 4.87
N SER A 27 0.71 2.33 4.96
CA SER A 27 -0.01 2.96 3.87
C SER A 27 0.31 4.43 3.57
N GLY A 28 0.36 4.80 2.26
CA GLY A 28 0.74 6.10 1.68
C GLY A 28 -0.17 6.49 0.53
N LYS A 29 -0.19 7.79 0.02
CA LYS A 29 -0.82 8.07 -1.28
C LYS A 29 0.26 8.84 -2.06
N ILE A 30 0.14 9.04 -3.40
CA ILE A 30 1.10 9.88 -4.15
C ILE A 30 0.46 11.25 -4.46
N THR A 31 1.29 12.31 -4.63
CA THR A 31 0.87 13.67 -5.02
C THR A 31 1.43 14.02 -6.40
N ARG A 32 2.72 13.72 -6.69
CA ARG A 32 3.35 14.01 -7.98
C ARG A 32 4.42 12.95 -8.14
N ASP A 33 4.96 12.65 -9.35
CA ASP A 33 6.13 11.76 -9.49
C ASP A 33 7.44 12.59 -9.42
N VAL A 34 8.53 12.08 -8.78
CA VAL A 34 9.83 12.79 -8.76
C VAL A 34 10.73 11.93 -9.62
N GLY A 35 11.31 12.51 -10.70
CA GLY A 35 12.17 11.96 -11.78
C GLY A 35 12.07 10.50 -12.20
N ALA A 36 13.23 9.79 -12.15
CA ALA A 36 13.39 8.36 -12.34
C ALA A 36 13.66 7.74 -10.99
N GLY A 37 12.82 6.76 -10.60
CA GLY A 37 12.97 5.97 -9.38
C GLY A 37 12.33 6.53 -8.14
N LYS A 38 11.69 7.73 -8.21
CA LYS A 38 11.13 8.38 -7.03
C LYS A 38 9.68 8.80 -7.23
N TYR A 39 9.01 9.14 -6.08
CA TYR A 39 7.62 9.58 -5.93
C TYR A 39 7.58 10.70 -4.88
N LYS A 40 6.67 11.74 -5.03
CA LYS A 40 6.42 12.93 -4.21
C LYS A 40 5.05 12.62 -3.75
N LEU A 41 5.03 12.28 -2.46
CA LEU A 41 3.93 11.51 -1.94
C LEU A 41 3.38 12.02 -0.67
N LEU A 42 2.07 11.86 -0.43
CA LEU A 42 1.50 12.27 0.82
C LEU A 42 0.68 11.13 1.33
N PHE A 43 0.88 10.64 2.57
CA PHE A 43 0.12 9.51 3.15
C PHE A 43 -1.38 9.81 3.34
N ASP A 44 -2.29 8.80 3.35
CA ASP A 44 -3.76 8.94 3.57
C ASP A 44 -4.20 9.49 4.94
N ASP A 45 -3.19 9.74 5.79
CA ASP A 45 -3.19 10.32 7.10
C ASP A 45 -2.47 11.69 7.13
N GLY A 46 -1.85 12.16 5.99
CA GLY A 46 -1.32 13.52 5.83
C GLY A 46 0.16 13.73 6.05
N TYR A 47 1.01 12.70 5.91
CA TYR A 47 2.46 12.85 6.05
C TYR A 47 3.08 12.87 4.65
N GLU A 48 3.62 14.05 4.25
CA GLU A 48 4.30 14.24 2.96
C GLU A 48 5.80 14.27 3.07
N CYS A 49 6.44 13.87 1.95
CA CYS A 49 7.89 13.85 1.79
C CYS A 49 8.10 13.68 0.30
N ASP A 50 9.36 13.64 -0.19
CA ASP A 50 9.65 13.18 -1.55
C ASP A 50 10.63 12.07 -1.23
N VAL A 51 10.55 10.90 -1.91
CA VAL A 51 11.41 9.76 -1.61
C VAL A 51 11.71 8.96 -2.85
N LEU A 52 12.72 8.04 -2.76
CA LEU A 52 13.02 6.99 -3.74
C LEU A 52 12.08 5.84 -3.52
N GLY A 53 11.61 5.23 -4.65
CA GLY A 53 10.26 4.66 -4.71
C GLY A 53 10.04 3.46 -3.84
N LYS A 54 11.06 2.58 -3.74
CA LYS A 54 11.21 1.37 -2.92
C LYS A 54 11.15 1.61 -1.38
N ASP A 55 10.44 2.67 -0.99
CA ASP A 55 10.14 3.20 0.30
C ASP A 55 8.67 3.56 0.23
N ILE A 56 8.30 4.65 -0.49
CA ILE A 56 6.90 5.06 -0.57
C ILE A 56 6.50 5.26 -2.06
N LEU A 57 5.81 4.21 -2.61
CA LEU A 57 5.45 3.94 -4.03
C LEU A 57 4.08 3.46 -4.46
N LEU A 58 3.73 3.58 -5.81
CA LEU A 58 2.65 2.94 -6.56
C LEU A 58 2.50 1.44 -6.43
N CYS A 59 1.45 1.10 -5.74
CA CYS A 59 1.05 -0.21 -5.45
C CYS A 59 -0.38 -0.22 -6.00
N ASP A 60 -1.00 -1.40 -5.96
CA ASP A 60 -2.45 -1.65 -6.09
C ASP A 60 -3.11 -1.40 -4.70
N PRO A 61 -2.59 -1.80 -3.48
CA PRO A 61 -1.31 -2.45 -3.22
C PRO A 61 -1.16 -3.82 -3.74
N ILE A 62 -1.79 -4.81 -3.10
CA ILE A 62 -1.39 -6.18 -3.28
C ILE A 62 -2.30 -6.93 -4.24
N PRO A 63 -1.85 -8.05 -4.88
CA PRO A 63 -2.51 -8.71 -6.01
C PRO A 63 -3.87 -9.29 -5.61
N LEU A 64 -4.95 -8.79 -6.25
CA LEU A 64 -6.38 -8.87 -6.03
C LEU A 64 -7.16 -10.08 -5.53
N ASP A 65 -6.45 -11.09 -4.98
CA ASP A 65 -6.99 -12.24 -4.25
C ASP A 65 -5.84 -12.83 -3.47
N THR A 66 -5.12 -11.93 -2.77
CA THR A 66 -3.91 -12.16 -2.03
C THR A 66 -4.08 -11.91 -0.61
N GLU A 67 -3.61 -12.86 0.18
CA GLU A 67 -3.57 -12.84 1.63
C GLU A 67 -2.66 -11.74 2.20
N VAL A 68 -3.24 -10.59 2.51
CA VAL A 68 -2.61 -9.43 3.11
C VAL A 68 -3.06 -9.36 4.52
N THR A 69 -2.43 -8.47 5.29
CA THR A 69 -2.64 -8.36 6.73
C THR A 69 -3.58 -7.24 7.05
N ALA A 70 -4.49 -7.49 8.00
CA ALA A 70 -5.53 -6.60 8.44
C ALA A 70 -5.17 -5.94 9.77
N LEU A 71 -5.49 -4.63 9.99
CA LEU A 71 -5.22 -3.97 11.29
C LEU A 71 -6.05 -4.48 12.46
N SER A 72 -5.29 -5.28 13.18
CA SER A 72 -5.40 -6.09 14.34
C SER A 72 -4.08 -5.72 14.97
N GLU A 73 -3.78 -6.07 16.24
CA GLU A 73 -2.60 -5.69 17.01
C GLU A 73 -1.20 -5.62 16.31
N ASP A 74 -0.35 -4.64 16.72
CA ASP A 74 0.87 -4.13 16.05
C ASP A 74 1.89 -5.06 15.39
N GLU A 75 2.39 -6.13 16.06
CA GLU A 75 3.19 -7.16 15.39
C GLU A 75 2.42 -8.50 15.35
N TYR A 76 1.16 -8.52 15.87
CA TYR A 76 0.44 -9.75 16.19
C TYR A 76 -0.88 -9.91 15.43
N PHE A 77 -1.06 -9.00 14.44
CA PHE A 77 -2.08 -8.87 13.39
C PHE A 77 -2.27 -10.08 12.47
N SER A 78 -3.41 -10.16 11.74
CA SER A 78 -3.73 -11.38 10.98
C SER A 78 -4.02 -11.15 9.53
N ALA A 79 -3.79 -12.20 8.68
CA ALA A 79 -4.07 -12.20 7.24
C ALA A 79 -5.51 -12.51 6.87
N GLY A 80 -5.97 -11.74 5.87
CA GLY A 80 -7.24 -11.78 5.20
C GLY A 80 -6.84 -11.56 3.80
N VAL A 81 -7.77 -11.30 2.90
CA VAL A 81 -7.46 -11.25 1.50
C VAL A 81 -7.79 -9.93 0.95
N VAL A 82 -6.91 -9.37 0.07
CA VAL A 82 -7.32 -8.27 -0.82
C VAL A 82 -8.16 -8.88 -1.93
N LYS A 83 -9.37 -8.32 -2.22
CA LYS A 83 -10.23 -8.88 -3.25
C LYS A 83 -10.65 -7.85 -4.29
N GLY A 84 -10.94 -6.60 -3.87
CA GLY A 84 -11.37 -5.54 -4.78
C GLY A 84 -11.21 -4.18 -4.13
N HIS A 85 -10.88 -3.13 -4.92
CA HIS A 85 -10.67 -1.80 -4.36
C HIS A 85 -11.10 -0.62 -5.19
N ARG A 86 -11.45 0.49 -4.47
CA ARG A 86 -11.94 1.70 -5.08
C ARG A 86 -11.20 2.80 -4.36
N LYS A 87 -10.89 3.89 -5.06
CA LYS A 87 -10.44 5.08 -4.38
C LYS A 87 -11.12 6.24 -5.08
N GLU A 88 -11.80 7.11 -4.29
CA GLU A 88 -12.54 8.27 -4.72
C GLU A 88 -11.94 9.46 -3.98
N SER A 89 -12.15 10.73 -4.44
CA SER A 89 -11.63 11.97 -3.87
C SER A 89 -12.05 12.31 -2.43
N GLY A 90 -11.43 11.60 -1.45
CA GLY A 90 -11.68 11.67 -0.01
C GLY A 90 -12.35 10.44 0.55
N GLU A 91 -12.61 9.39 -0.28
CA GLU A 91 -13.27 8.17 0.10
C GLU A 91 -12.37 7.04 -0.36
N LEU A 92 -11.76 6.30 0.58
CA LEU A 92 -10.84 5.22 0.26
C LEU A 92 -11.46 3.94 0.74
N TYR A 93 -11.76 2.92 -0.10
CA TYR A 93 -12.21 1.71 0.58
C TYR A 93 -11.73 0.47 -0.14
N TYR A 94 -11.07 -0.43 0.63
CA TYR A 94 -10.53 -1.70 0.21
C TYR A 94 -11.46 -2.75 0.80
N SER A 95 -11.95 -3.70 -0.06
CA SER A 95 -12.82 -4.81 0.31
C SER A 95 -11.91 -5.98 0.63
N ILE A 96 -11.65 -6.11 1.94
CA ILE A 96 -10.69 -7.04 2.51
C ILE A 96 -11.51 -8.18 2.98
N GLU A 97 -11.25 -9.41 2.46
CA GLU A 97 -12.08 -10.58 2.81
C GLU A 97 -11.51 -11.22 4.06
N LYS A 98 -12.29 -11.17 5.16
CA LYS A 98 -11.70 -11.33 6.49
C LYS A 98 -12.61 -12.10 7.39
N GLU A 99 -12.12 -13.20 8.03
CA GLU A 99 -12.84 -14.02 9.01
C GLU A 99 -14.08 -14.77 8.49
N GLY A 100 -14.32 -14.64 7.17
CA GLY A 100 -15.40 -15.26 6.39
C GLY A 100 -16.27 -14.22 5.76
N GLN A 101 -16.14 -12.95 6.21
CA GLN A 101 -16.92 -11.80 5.77
C GLN A 101 -16.08 -10.70 5.16
N ARG A 102 -16.70 -9.66 4.55
CA ARG A 102 -15.99 -8.60 3.88
C ARG A 102 -15.84 -7.37 4.75
N LYS A 103 -14.61 -6.84 4.93
CA LYS A 103 -14.39 -5.63 5.71
C LYS A 103 -14.10 -4.54 4.70
N TRP A 104 -14.83 -3.40 4.75
CA TRP A 104 -14.56 -2.29 3.85
C TRP A 104 -13.76 -1.33 4.71
N TYR A 105 -12.46 -1.33 4.40
CA TYR A 105 -11.39 -0.70 5.15
C TYR A 105 -10.71 0.33 4.30
N LYS A 106 -10.61 1.64 4.71
CA LYS A 106 -9.76 2.66 4.14
C LYS A 106 -8.30 2.29 4.35
N ARG A 107 -7.40 2.60 3.37
CA ARG A 107 -6.03 2.10 3.16
C ARG A 107 -5.20 1.68 4.37
N MET A 108 -5.15 2.53 5.42
CA MET A 108 -4.50 2.34 6.71
C MET A 108 -4.98 1.17 7.59
N ALA A 109 -6.13 0.51 7.26
CA ALA A 109 -6.64 -0.68 7.96
C ALA A 109 -6.27 -2.04 7.40
N VAL A 110 -5.60 -2.03 6.24
CA VAL A 110 -4.98 -3.07 5.50
C VAL A 110 -3.57 -2.66 5.24
N ILE A 111 -2.64 -3.57 5.49
CA ILE A 111 -1.22 -3.38 5.24
C ILE A 111 -0.56 -4.64 4.67
N LEU A 112 0.80 -4.67 4.54
CA LEU A 112 1.54 -5.81 4.02
C LEU A 112 2.95 -6.01 4.58
N SER A 113 3.40 -7.30 4.61
CA SER A 113 4.69 -7.87 5.01
C SER A 113 5.73 -7.81 3.88
N LEU A 114 7.11 -7.88 4.09
CA LEU A 114 8.04 -7.91 2.91
C LEU A 114 7.88 -9.07 1.94
N GLU A 115 7.39 -10.28 2.30
CA GLU A 115 7.17 -11.34 1.31
C GLU A 115 5.82 -11.33 0.60
N GLN A 116 4.85 -10.50 1.08
CA GLN A 116 3.65 -10.14 0.31
C GLN A 116 3.95 -8.91 -0.56
N GLY A 117 4.84 -8.01 -0.10
CA GLY A 117 5.38 -6.88 -0.81
C GLY A 117 6.51 -7.08 -1.82
N ASN A 118 7.58 -7.85 -1.51
CA ASN A 118 8.75 -8.12 -2.37
C ASN A 118 8.45 -9.14 -3.45
N ARG A 119 7.37 -9.93 -3.25
CA ARG A 119 6.83 -10.84 -4.26
C ARG A 119 6.22 -10.04 -5.44
N LEU A 120 5.77 -8.78 -5.12
CA LEU A 120 5.17 -7.73 -5.93
C LEU A 120 6.19 -6.86 -6.55
N ARG A 121 7.28 -6.56 -5.80
CA ARG A 121 8.28 -5.53 -6.10
C ARG A 121 8.92 -5.45 -7.49
N GLU A 122 9.04 -6.64 -8.10
CA GLU A 122 9.56 -6.99 -9.39
C GLU A 122 8.48 -7.07 -10.48
N GLN A 123 7.18 -7.27 -10.09
CA GLN A 123 6.03 -7.40 -10.98
C GLN A 123 5.12 -6.18 -11.05
N TYR A 124 4.71 -5.54 -9.90
CA TYR A 124 3.65 -4.51 -10.02
C TYR A 124 3.91 -3.18 -9.34
N GLY A 125 5.11 -2.80 -8.80
CA GLY A 125 5.04 -1.57 -8.07
C GLY A 125 6.27 -1.49 -7.30
N LEU A 126 6.35 -2.34 -6.25
CA LEU A 126 7.23 -2.34 -5.09
C LEU A 126 8.74 -2.18 -5.19
N GLY A 127 9.25 -1.77 -6.37
CA GLY A 127 10.57 -1.12 -6.38
C GLY A 127 11.15 -0.71 -7.71
N PRO A 128 11.07 0.52 -8.29
CA PRO A 128 11.70 0.81 -9.60
C PRO A 128 13.21 1.12 -9.48
N TYR A 129 13.76 1.32 -8.24
CA TYR A 129 15.14 1.54 -7.90
C TYR A 129 15.55 0.31 -7.10
N GLU A 130 16.55 -0.48 -7.58
CA GLU A 130 17.04 -1.69 -6.96
C GLU A 130 18.55 -1.66 -7.03
N ASN A 8 -2.89 10.34 -16.58
CA ASN A 8 -3.62 11.12 -15.62
C ASN A 8 -3.48 10.41 -14.29
N SER A 9 -4.42 9.47 -14.03
CA SER A 9 -4.72 8.68 -12.84
C SER A 9 -3.70 7.66 -12.39
N PHE A 10 -2.40 8.03 -12.45
CA PHE A 10 -1.24 7.27 -12.02
C PHE A 10 -0.70 8.02 -10.87
N VAL A 11 -0.25 9.28 -11.06
CA VAL A 11 0.25 10.18 -9.99
C VAL A 11 -0.67 10.60 -8.83
N GLY A 12 -1.86 9.95 -8.81
CA GLY A 12 -2.92 9.87 -7.81
C GLY A 12 -3.03 8.46 -7.25
N LEU A 13 -1.91 7.68 -7.36
CA LEU A 13 -1.51 6.33 -6.92
C LEU A 13 -1.82 5.94 -5.50
N ARG A 14 -1.69 4.62 -5.28
CA ARG A 14 -2.02 3.87 -4.08
C ARG A 14 -0.67 3.39 -3.60
N VAL A 15 -0.17 3.83 -2.42
CA VAL A 15 1.21 3.56 -2.00
C VAL A 15 1.33 2.82 -0.70
N VAL A 16 2.52 2.23 -0.48
CA VAL A 16 2.93 1.43 0.67
C VAL A 16 4.04 2.15 1.33
N ALA A 17 4.14 2.05 2.68
CA ALA A 17 5.02 2.86 3.48
C ALA A 17 5.92 2.06 4.40
N LYS A 18 7.20 2.00 4.01
CA LYS A 18 8.29 1.32 4.66
C LYS A 18 9.49 2.26 4.62
N TRP A 19 10.03 2.86 5.72
CA TRP A 19 11.22 3.74 5.61
C TRP A 19 12.57 3.00 5.61
N SER A 20 12.64 1.85 6.29
CA SER A 20 13.75 0.92 6.29
C SER A 20 13.04 -0.37 5.98
N SER A 21 13.67 -1.40 5.33
CA SER A 21 12.98 -2.70 5.14
C SER A 21 12.91 -3.45 6.49
N ASN A 22 11.67 -3.51 7.05
CA ASN A 22 11.33 -3.88 8.41
C ASN A 22 10.79 -5.28 8.62
N GLY A 23 10.14 -5.77 7.56
CA GLY A 23 9.37 -6.99 7.46
C GLY A 23 7.89 -6.75 7.33
N TYR A 24 7.34 -5.56 7.70
CA TYR A 24 6.01 -5.08 7.35
C TYR A 24 5.96 -3.62 6.94
N PHE A 25 5.02 -3.24 6.02
CA PHE A 25 4.79 -1.91 5.48
C PHE A 25 3.38 -1.46 5.85
N TYR A 26 3.30 -0.11 5.96
CA TYR A 26 2.26 0.84 6.25
C TYR A 26 1.69 1.29 4.90
N SER A 27 0.79 2.28 4.90
CA SER A 27 0.01 2.70 3.75
C SER A 27 -0.07 4.25 3.51
N GLY A 28 0.06 4.65 2.20
CA GLY A 28 0.36 5.92 1.55
C GLY A 28 -0.44 6.23 0.28
N LYS A 29 -0.42 7.49 -0.27
CA LYS A 29 -0.94 7.81 -1.62
C LYS A 29 0.01 8.74 -2.40
N ILE A 30 0.28 8.68 -3.77
CA ILE A 30 1.17 9.74 -4.39
C ILE A 30 0.43 10.99 -4.88
N THR A 31 1.18 12.12 -4.98
CA THR A 31 0.71 13.42 -5.49
C THR A 31 1.37 13.76 -6.84
N ARG A 32 2.70 13.48 -7.00
CA ARG A 32 3.42 13.73 -8.23
C ARG A 32 4.53 12.69 -8.30
N ASP A 33 5.18 12.51 -9.47
CA ASP A 33 6.38 11.68 -9.64
C ASP A 33 7.64 12.57 -9.51
N VAL A 34 8.68 12.12 -8.74
CA VAL A 34 9.95 12.83 -8.61
C VAL A 34 10.97 11.93 -9.32
N GLY A 35 11.70 12.45 -10.33
CA GLY A 35 12.76 11.81 -11.15
C GLY A 35 12.66 10.35 -11.60
N ALA A 36 13.77 9.59 -11.38
CA ALA A 36 13.89 8.15 -11.58
C ALA A 36 13.91 7.47 -10.24
N GLY A 37 12.92 6.58 -10.02
CA GLY A 37 12.77 5.78 -8.83
C GLY A 37 12.00 6.43 -7.71
N LYS A 38 11.86 7.78 -7.71
CA LYS A 38 11.22 8.54 -6.64
C LYS A 38 9.77 8.91 -6.89
N TYR A 39 9.04 9.22 -5.78
CA TYR A 39 7.64 9.64 -5.74
C TYR A 39 7.51 10.78 -4.72
N LYS A 40 6.57 11.76 -4.98
CA LYS A 40 6.23 12.95 -4.19
C LYS A 40 4.85 12.58 -3.75
N LEU A 41 4.84 12.24 -2.47
CA LEU A 41 3.75 11.51 -1.90
C LEU A 41 3.25 11.98 -0.60
N LEU A 42 2.02 11.60 -0.24
CA LEU A 42 1.51 11.95 1.05
C LEU A 42 0.98 10.71 1.67
N PHE A 43 1.04 10.49 3.01
CA PHE A 43 0.39 9.33 3.67
C PHE A 43 -1.11 9.65 3.76
N ASP A 44 -2.07 8.70 3.57
CA ASP A 44 -3.54 8.92 3.53
C ASP A 44 -4.20 9.72 4.68
N ASP A 45 -3.45 9.83 5.80
CA ASP A 45 -3.71 10.57 7.02
C ASP A 45 -3.01 11.96 7.08
N GLY A 46 -2.14 12.33 6.08
CA GLY A 46 -1.66 13.71 5.86
C GLY A 46 -0.20 14.03 6.05
N TYR A 47 0.72 13.05 6.18
CA TYR A 47 2.17 13.29 6.29
C TYR A 47 2.79 13.22 4.90
N GLU A 48 3.21 14.38 4.30
CA GLU A 48 3.87 14.43 2.98
C GLU A 48 5.36 14.62 3.02
N CYS A 49 6.00 14.12 1.92
CA CYS A 49 7.42 14.05 1.81
C CYS A 49 7.69 13.80 0.34
N ASP A 50 8.98 13.74 -0.06
CA ASP A 50 9.39 13.22 -1.37
C ASP A 50 10.39 12.18 -0.93
N VAL A 51 10.41 11.00 -1.59
CA VAL A 51 11.30 9.91 -1.23
C VAL A 51 11.69 9.12 -2.43
N LEU A 52 12.78 8.27 -2.33
CA LEU A 52 13.16 7.28 -3.32
C LEU A 52 12.38 6.03 -3.05
N GLY A 53 11.80 5.50 -4.15
CA GLY A 53 10.46 4.93 -4.18
C GLY A 53 10.26 3.71 -3.40
N LYS A 54 11.24 2.77 -3.43
CA LYS A 54 11.27 1.43 -2.85
C LYS A 54 11.12 1.32 -1.30
N ASP A 55 10.59 2.41 -0.71
CA ASP A 55 10.27 2.81 0.63
C ASP A 55 8.81 3.24 0.54
N ILE A 56 8.48 4.47 0.05
CA ILE A 56 7.08 4.88 -0.05
C ILE A 56 6.73 5.00 -1.55
N LEU A 57 6.06 3.92 -2.07
CA LEU A 57 5.90 3.61 -3.51
C LEU A 57 4.60 3.18 -4.08
N LEU A 58 4.42 3.39 -5.43
CA LEU A 58 3.36 2.99 -6.35
C LEU A 58 3.00 1.51 -6.38
N CYS A 59 1.88 1.25 -5.74
CA CYS A 59 1.29 -0.01 -5.49
C CYS A 59 -0.16 0.03 -6.03
N ASP A 60 -0.79 -1.13 -5.95
CA ASP A 60 -2.23 -1.45 -6.09
C ASP A 60 -2.95 -1.32 -4.73
N PRO A 61 -2.40 -1.70 -3.52
CA PRO A 61 -1.10 -2.27 -3.23
C PRO A 61 -0.87 -3.63 -3.81
N ILE A 62 -1.49 -4.66 -3.26
CA ILE A 62 -1.09 -6.03 -3.50
C ILE A 62 -2.03 -6.77 -4.44
N PRO A 63 -1.59 -7.90 -5.10
CA PRO A 63 -2.22 -8.64 -6.17
C PRO A 63 -3.68 -9.07 -5.89
N LEU A 64 -4.68 -8.42 -6.51
CA LEU A 64 -6.13 -8.41 -6.29
C LEU A 64 -7.03 -9.59 -5.91
N ASP A 65 -6.48 -10.74 -5.47
CA ASP A 65 -7.22 -11.86 -4.87
C ASP A 65 -6.20 -12.66 -4.08
N THR A 66 -5.30 -11.90 -3.40
CA THR A 66 -4.13 -12.37 -2.73
C THR A 66 -4.19 -12.09 -1.31
N GLU A 67 -3.37 -12.87 -0.62
CA GLU A 67 -2.95 -12.82 0.76
C GLU A 67 -2.19 -11.52 1.02
N VAL A 68 -2.77 -10.79 1.98
CA VAL A 68 -2.48 -9.48 2.56
C VAL A 68 -3.12 -9.48 3.90
N THR A 69 -2.88 -8.39 4.63
CA THR A 69 -3.25 -8.32 6.01
C THR A 69 -3.94 -7.02 6.36
N ALA A 70 -4.68 -7.14 7.47
CA ALA A 70 -5.49 -6.16 8.10
C ALA A 70 -4.76 -5.57 9.30
N LEU A 71 -4.82 -4.24 9.50
CA LEU A 71 -4.18 -3.58 10.62
C LEU A 71 -5.05 -3.54 11.86
N SER A 72 -4.51 -4.22 12.87
CA SER A 72 -4.84 -4.34 14.27
C SER A 72 -3.47 -4.29 14.91
N GLU A 73 -3.38 -4.12 16.24
CA GLU A 73 -2.21 -4.14 17.13
C GLU A 73 -1.06 -5.18 16.92
N ASP A 74 0.06 -4.97 17.65
CA ASP A 74 1.34 -5.70 17.63
C ASP A 74 1.37 -7.22 17.70
N GLU A 75 0.61 -7.83 18.62
CA GLU A 75 0.48 -9.26 18.83
C GLU A 75 -0.91 -9.75 18.39
N TYR A 76 -1.69 -8.86 17.72
CA TYR A 76 -3.10 -9.07 17.45
C TYR A 76 -3.43 -9.07 15.96
N PHE A 77 -2.70 -8.26 15.14
CA PHE A 77 -2.88 -8.27 13.63
C PHE A 77 -2.74 -9.64 12.88
N SER A 78 -3.63 -9.81 11.87
CA SER A 78 -3.81 -11.09 11.17
C SER A 78 -4.01 -10.89 9.67
N ALA A 79 -3.82 -11.98 8.87
CA ALA A 79 -3.98 -11.97 7.41
C ALA A 79 -5.37 -12.34 6.89
N GLY A 80 -5.61 -11.90 5.63
CA GLY A 80 -6.81 -11.94 4.83
C GLY A 80 -6.43 -11.76 3.39
N VAL A 81 -7.43 -11.46 2.57
CA VAL A 81 -7.27 -11.30 1.15
C VAL A 81 -7.62 -9.92 0.71
N VAL A 82 -6.92 -9.41 -0.34
CA VAL A 82 -7.26 -8.22 -1.10
C VAL A 82 -8.14 -8.74 -2.22
N LYS A 83 -9.30 -8.11 -2.47
CA LYS A 83 -10.25 -8.51 -3.50
C LYS A 83 -10.47 -7.43 -4.53
N GLY A 84 -10.71 -6.19 -4.05
CA GLY A 84 -11.14 -5.10 -4.91
C GLY A 84 -11.06 -3.80 -4.17
N HIS A 85 -10.75 -2.69 -4.89
CA HIS A 85 -10.59 -1.38 -4.30
C HIS A 85 -11.14 -0.20 -5.07
N ARG A 86 -11.56 0.83 -4.28
CA ARG A 86 -12.17 2.03 -4.79
C ARG A 86 -11.48 3.23 -4.21
N LYS A 87 -11.67 4.40 -4.84
CA LYS A 87 -11.44 5.65 -4.17
C LYS A 87 -12.58 6.55 -4.57
N GLU A 88 -13.11 7.35 -3.62
CA GLU A 88 -14.14 8.35 -3.77
C GLU A 88 -13.50 9.69 -3.43
N SER A 89 -14.09 10.86 -3.84
CA SER A 89 -13.63 12.23 -3.56
C SER A 89 -13.62 12.65 -2.07
N GLY A 90 -12.76 11.99 -1.26
CA GLY A 90 -12.57 12.17 0.17
C GLY A 90 -12.94 10.95 0.98
N GLU A 91 -13.12 9.76 0.35
CA GLU A 91 -13.42 8.52 1.02
C GLU A 91 -12.63 7.44 0.30
N LEU A 92 -12.08 6.43 1.02
CA LEU A 92 -11.17 5.45 0.46
C LEU A 92 -11.62 4.10 0.94
N TYR A 93 -11.76 3.05 0.06
CA TYR A 93 -12.02 1.75 0.68
C TYR A 93 -11.34 0.63 -0.06
N TYR A 94 -10.76 -0.32 0.70
CA TYR A 94 -10.21 -1.57 0.26
C TYR A 94 -11.12 -2.63 0.86
N SER A 95 -11.68 -3.54 0.01
CA SER A 95 -12.51 -4.67 0.41
C SER A 95 -11.59 -5.86 0.70
N ILE A 96 -11.33 -6.03 2.02
CA ILE A 96 -10.37 -6.98 2.59
C ILE A 96 -11.16 -8.16 3.07
N GLU A 97 -10.88 -9.36 2.50
CA GLU A 97 -11.63 -10.59 2.80
C GLU A 97 -11.01 -11.27 4.00
N LYS A 98 -11.76 -11.15 5.11
CA LYS A 98 -11.23 -11.33 6.44
C LYS A 98 -12.23 -12.01 7.36
N GLU A 99 -11.82 -13.05 8.13
CA GLU A 99 -12.62 -13.77 9.14
C GLU A 99 -13.78 -14.60 8.54
N GLY A 100 -13.84 -14.59 7.18
CA GLY A 100 -14.79 -15.31 6.33
C GLY A 100 -15.67 -14.37 5.57
N GLN A 101 -15.56 -13.03 5.84
CA GLN A 101 -16.38 -12.00 5.25
C GLN A 101 -15.57 -10.79 4.82
N ARG A 102 -16.19 -9.84 4.09
CA ARG A 102 -15.49 -8.69 3.52
C ARG A 102 -15.51 -7.47 4.43
N LYS A 103 -14.31 -6.95 4.80
CA LYS A 103 -14.15 -5.72 5.59
C LYS A 103 -13.93 -4.62 4.61
N TRP A 104 -14.27 -3.42 5.00
CA TRP A 104 -14.14 -2.29 4.12
C TRP A 104 -13.32 -1.31 4.91
N TYR A 105 -12.04 -1.23 4.51
CA TYR A 105 -11.06 -0.42 5.21
C TYR A 105 -10.40 0.52 4.26
N LYS A 106 -10.33 1.84 4.58
CA LYS A 106 -9.48 2.82 3.95
C LYS A 106 -8.00 2.48 4.19
N ARG A 107 -7.10 2.83 3.24
CA ARG A 107 -5.68 2.40 3.07
C ARG A 107 -4.86 2.08 4.32
N MET A 108 -4.99 2.89 5.39
CA MET A 108 -4.37 2.73 6.71
C MET A 108 -4.75 1.46 7.50
N ALA A 109 -5.88 0.75 7.18
CA ALA A 109 -6.22 -0.54 7.82
C ALA A 109 -5.95 -1.77 7.00
N VAL A 110 -5.25 -1.61 5.87
CA VAL A 110 -4.78 -2.63 4.98
C VAL A 110 -3.29 -2.40 4.92
N ILE A 111 -2.56 -3.39 5.41
CA ILE A 111 -1.11 -3.44 5.43
C ILE A 111 -0.61 -4.71 4.76
N LEU A 112 0.75 -4.82 4.66
CA LEU A 112 1.49 -5.92 4.06
C LEU A 112 2.85 -6.18 4.70
N SER A 113 3.39 -7.43 4.59
CA SER A 113 4.71 -7.92 5.04
C SER A 113 5.69 -7.98 3.86
N LEU A 114 7.03 -8.30 4.02
CA LEU A 114 7.91 -8.39 2.83
C LEU A 114 7.56 -9.44 1.82
N GLU A 115 7.38 -10.73 2.12
CA GLU A 115 6.94 -11.73 1.11
C GLU A 115 5.55 -11.57 0.43
N GLN A 116 4.75 -10.62 0.96
CA GLN A 116 3.53 -9.97 0.46
C GLN A 116 3.88 -8.89 -0.57
N GLY A 117 4.86 -8.04 -0.20
CA GLY A 117 5.51 -6.92 -0.90
C GLY A 117 6.59 -7.25 -1.93
N ASN A 118 7.51 -8.19 -1.65
CA ASN A 118 8.67 -8.68 -2.42
C ASN A 118 8.26 -9.61 -3.53
N ARG A 119 7.09 -10.29 -3.39
CA ARG A 119 6.49 -11.13 -4.43
C ARG A 119 5.93 -10.27 -5.59
N LEU A 120 5.67 -8.99 -5.23
CA LEU A 120 5.12 -7.88 -6.01
C LEU A 120 6.20 -7.07 -6.61
N ARG A 121 7.31 -6.87 -5.85
CA ARG A 121 8.36 -5.90 -6.10
C ARG A 121 8.96 -5.78 -7.51
N GLU A 122 9.07 -6.95 -8.20
CA GLU A 122 9.53 -7.17 -9.54
C GLU A 122 8.41 -7.19 -10.60
N GLN A 123 7.11 -7.35 -10.20
CA GLN A 123 5.95 -7.42 -11.09
C GLN A 123 5.14 -6.13 -11.07
N TYR A 124 4.81 -5.50 -9.90
CA TYR A 124 3.91 -4.32 -9.96
C TYR A 124 4.30 -3.06 -9.21
N GLY A 125 5.50 -2.87 -8.59
CA GLY A 125 5.52 -1.71 -7.75
C GLY A 125 6.80 -1.73 -7.04
N LEU A 126 6.97 -2.58 -5.97
CA LEU A 126 7.98 -2.56 -4.88
C LEU A 126 9.49 -2.43 -5.19
N GLY A 127 9.87 -2.15 -6.46
CA GLY A 127 11.25 -1.75 -6.80
C GLY A 127 11.52 -1.10 -8.16
N PRO A 128 11.46 0.23 -8.43
CA PRO A 128 11.84 0.80 -9.73
C PRO A 128 13.29 1.31 -9.72
N TYR A 129 14.25 0.66 -9.01
CA TYR A 129 15.63 1.13 -8.83
C TYR A 129 16.64 0.17 -9.44
N GLU A 130 17.60 0.72 -10.23
CA GLU A 130 18.67 -0.03 -10.85
C GLU A 130 19.84 0.94 -10.99
N ASN A 8 3.70 9.29 -13.89
CA ASN A 8 3.65 10.05 -15.12
C ASN A 8 2.18 10.16 -15.46
N SER A 9 1.41 9.09 -15.17
CA SER A 9 -0.05 9.01 -15.33
C SER A 9 -0.66 8.36 -14.10
N PHE A 10 0.16 8.16 -13.04
CA PHE A 10 -0.21 7.54 -11.77
C PHE A 10 0.04 8.48 -10.62
N VAL A 11 -0.11 9.80 -10.85
CA VAL A 11 0.01 10.87 -9.86
C VAL A 11 -1.13 11.01 -8.83
N GLY A 12 -2.09 10.06 -8.83
CA GLY A 12 -3.17 9.84 -7.88
C GLY A 12 -3.31 8.37 -7.52
N LEU A 13 -2.20 7.58 -7.61
CA LEU A 13 -2.03 6.16 -7.26
C LEU A 13 -1.99 5.83 -5.78
N ARG A 14 -2.06 4.52 -5.50
CA ARG A 14 -2.20 3.96 -4.17
C ARG A 14 -0.78 3.62 -3.76
N VAL A 15 -0.29 4.10 -2.59
CA VAL A 15 1.12 3.92 -2.24
C VAL A 15 1.29 3.22 -0.91
N VAL A 16 2.37 2.42 -0.75
CA VAL A 16 2.76 1.68 0.47
C VAL A 16 3.95 2.38 1.04
N ALA A 17 4.10 2.33 2.40
CA ALA A 17 5.00 3.14 3.18
C ALA A 17 5.90 2.36 4.11
N LYS A 18 7.18 2.30 3.76
CA LYS A 18 8.27 1.63 4.44
C LYS A 18 9.43 2.63 4.39
N TRP A 19 9.99 3.21 5.49
CA TRP A 19 11.13 4.16 5.36
C TRP A 19 12.52 3.48 5.26
N SER A 20 12.64 2.33 5.91
CA SER A 20 13.75 1.40 5.89
C SER A 20 13.05 0.10 5.58
N SER A 21 13.69 -0.94 4.93
CA SER A 21 13.03 -2.25 4.83
C SER A 21 13.07 -2.95 6.20
N ASN A 22 11.87 -2.98 6.83
CA ASN A 22 11.56 -3.28 8.22
C ASN A 22 11.01 -4.67 8.45
N GLY A 23 10.42 -5.23 7.38
CA GLY A 23 9.74 -6.50 7.30
C GLY A 23 8.26 -6.35 7.14
N TYR A 24 7.67 -5.15 7.44
CA TYR A 24 6.29 -4.74 7.20
C TYR A 24 6.19 -3.31 6.64
N PHE A 25 5.15 -2.98 5.81
CA PHE A 25 4.87 -1.63 5.28
C PHE A 25 3.51 -1.23 5.80
N TYR A 26 3.41 0.11 6.00
CA TYR A 26 2.36 1.02 6.44
C TYR A 26 1.78 1.60 5.15
N SER A 27 0.83 2.56 5.15
CA SER A 27 0.27 3.04 3.88
C SER A 27 0.02 4.55 3.65
N GLY A 28 -0.10 4.86 2.33
CA GLY A 28 0.03 6.06 1.53
C GLY A 28 -0.93 6.35 0.38
N LYS A 29 -0.88 7.62 -0.09
CA LYS A 29 -1.53 8.08 -1.34
C LYS A 29 -0.61 9.09 -2.05
N ILE A 30 -0.59 9.21 -3.42
CA ILE A 30 0.34 10.12 -4.13
C ILE A 30 -0.33 11.38 -4.72
N THR A 31 0.47 12.47 -4.91
CA THR A 31 0.02 13.76 -5.45
C THR A 31 0.76 14.10 -6.73
N ARG A 32 2.11 13.85 -6.82
CA ARG A 32 2.85 14.18 -8.03
C ARG A 32 3.90 13.11 -8.21
N ASP A 33 4.46 12.96 -9.44
CA ASP A 33 5.67 12.13 -9.66
C ASP A 33 6.95 12.98 -9.47
N VAL A 34 8.02 12.38 -8.89
CA VAL A 34 9.33 12.99 -8.69
C VAL A 34 10.24 12.08 -9.52
N GLY A 35 11.09 12.62 -10.43
CA GLY A 35 11.98 11.98 -11.45
C GLY A 35 11.86 10.52 -11.87
N ALA A 36 12.94 9.71 -11.67
CA ALA A 36 13.00 8.28 -11.96
C ALA A 36 12.94 7.48 -10.70
N GLY A 37 11.82 6.75 -10.53
CA GLY A 37 11.51 5.88 -9.41
C GLY A 37 10.99 6.57 -8.19
N LYS A 38 10.81 7.91 -8.23
CA LYS A 38 10.39 8.71 -7.08
C LYS A 38 8.91 9.12 -7.12
N TYR A 39 8.34 9.35 -5.92
CA TYR A 39 6.93 9.63 -5.65
C TYR A 39 6.80 10.81 -4.65
N LYS A 40 5.90 11.84 -4.91
CA LYS A 40 5.63 13.05 -4.10
C LYS A 40 4.27 12.76 -3.59
N LEU A 41 4.32 12.36 -2.32
CA LEU A 41 3.25 11.66 -1.70
C LEU A 41 2.87 12.08 -0.33
N LEU A 42 1.72 11.62 0.17
CA LEU A 42 1.43 11.77 1.57
C LEU A 42 1.03 10.44 2.11
N PHE A 43 1.21 10.09 3.41
CA PHE A 43 0.71 8.77 3.92
C PHE A 43 -0.82 8.75 4.09
N ASP A 44 -1.47 7.57 4.28
CA ASP A 44 -2.92 7.42 4.45
C ASP A 44 -3.45 7.91 5.81
N ASP A 45 -2.49 8.47 6.58
CA ASP A 45 -2.56 9.06 7.89
C ASP A 45 -1.99 10.51 7.98
N GLY A 46 -1.47 11.16 6.87
CA GLY A 46 -1.10 12.60 6.90
C GLY A 46 0.35 13.00 6.91
N TYR A 47 1.32 12.06 6.77
CA TYR A 47 2.76 12.38 6.74
C TYR A 47 3.22 12.53 5.29
N GLU A 48 3.45 13.78 4.80
CA GLU A 48 3.94 14.08 3.45
C GLU A 48 5.42 14.28 3.32
N CYS A 49 5.95 13.90 2.12
CA CYS A 49 7.35 13.91 1.83
C CYS A 49 7.44 13.79 0.32
N ASP A 50 8.67 13.83 -0.24
CA ASP A 50 8.93 13.39 -1.60
C ASP A 50 10.02 12.37 -1.30
N VAL A 51 9.99 11.19 -1.93
CA VAL A 51 10.95 10.14 -1.64
C VAL A 51 11.21 9.36 -2.88
N LEU A 52 12.30 8.52 -2.85
CA LEU A 52 12.59 7.50 -3.85
C LEU A 52 11.80 6.27 -3.48
N GLY A 53 11.19 5.65 -4.52
CA GLY A 53 9.98 4.86 -4.37
C GLY A 53 10.11 3.55 -3.68
N LYS A 54 11.29 2.87 -3.65
CA LYS A 54 11.49 1.53 -3.02
C LYS A 54 11.20 1.46 -1.49
N ASP A 55 10.87 2.66 -0.92
CA ASP A 55 10.35 3.06 0.36
C ASP A 55 8.86 3.42 0.19
N ILE A 56 8.48 4.60 -0.36
CA ILE A 56 7.05 4.98 -0.47
C ILE A 56 6.61 5.07 -1.95
N LEU A 57 5.91 4.00 -2.45
CA LEU A 57 5.58 3.72 -3.86
C LEU A 57 4.22 3.26 -4.29
N LEU A 58 3.95 3.42 -5.64
CA LEU A 58 2.89 2.96 -6.51
C LEU A 58 2.56 1.49 -6.42
N CYS A 59 1.46 1.27 -5.74
CA CYS A 59 0.92 0.04 -5.31
C CYS A 59 -0.49 -0.15 -5.80
N ASP A 60 -0.94 -1.35 -5.50
CA ASP A 60 -2.25 -1.94 -5.67
C ASP A 60 -3.00 -2.15 -4.33
N PRO A 61 -2.47 -2.47 -3.10
CA PRO A 61 -1.08 -2.61 -2.68
C PRO A 61 -0.43 -3.84 -3.24
N ILE A 62 -0.83 -4.96 -2.64
CA ILE A 62 -0.28 -6.26 -2.82
C ILE A 62 -1.40 -7.04 -3.48
N PRO A 63 -1.14 -8.15 -4.15
CA PRO A 63 -1.93 -8.69 -5.28
C PRO A 63 -3.39 -9.13 -4.98
N LEU A 64 -4.44 -8.80 -5.80
CA LEU A 64 -5.90 -9.08 -5.80
C LEU A 64 -6.54 -10.43 -5.40
N ASP A 65 -5.70 -11.20 -4.78
CA ASP A 65 -5.75 -12.56 -4.31
C ASP A 65 -5.06 -12.67 -2.96
N THR A 66 -4.88 -11.55 -2.21
CA THR A 66 -3.85 -11.52 -1.19
C THR A 66 -4.32 -11.40 0.17
N GLU A 67 -4.11 -12.49 0.92
CA GLU A 67 -4.13 -12.49 2.38
C GLU A 67 -2.96 -11.68 2.97
N VAL A 68 -3.30 -10.40 3.26
CA VAL A 68 -2.57 -9.27 3.82
C VAL A 68 -2.92 -9.26 5.26
N THR A 69 -2.26 -8.45 6.08
CA THR A 69 -2.52 -8.46 7.52
C THR A 69 -3.53 -7.37 7.81
N ALA A 70 -4.56 -7.67 8.60
CA ALA A 70 -5.64 -6.76 8.89
C ALA A 70 -5.39 -6.14 10.25
N LEU A 71 -5.69 -4.82 10.43
CA LEU A 71 -5.42 -4.10 11.68
C LEU A 71 -6.19 -4.55 12.93
N SER A 72 -5.40 -5.34 13.64
CA SER A 72 -5.51 -6.10 14.85
C SER A 72 -4.17 -5.76 15.44
N GLU A 73 -3.91 -6.08 16.73
CA GLU A 73 -2.73 -5.79 17.53
C GLU A 73 -1.32 -5.81 16.92
N ASP A 74 -0.42 -5.07 17.61
CA ASP A 74 0.91 -4.59 17.19
C ASP A 74 1.91 -5.55 16.57
N GLU A 75 2.17 -6.70 17.21
CA GLU A 75 2.99 -7.79 16.67
C GLU A 75 2.09 -8.99 16.37
N TYR A 76 0.81 -8.90 16.81
CA TYR A 76 -0.10 -10.03 16.94
C TYR A 76 -1.26 -10.08 15.96
N PHE A 77 -1.31 -9.14 14.98
CA PHE A 77 -2.26 -9.01 13.84
C PHE A 77 -2.41 -10.20 12.89
N SER A 78 -3.54 -10.29 12.13
CA SER A 78 -3.81 -11.51 11.33
C SER A 78 -4.42 -11.22 9.97
N ALA A 79 -4.32 -12.19 9.01
CA ALA A 79 -4.71 -12.00 7.62
C ALA A 79 -6.18 -12.05 7.18
N GLY A 80 -6.45 -11.28 6.09
CA GLY A 80 -7.70 -11.12 5.35
C GLY A 80 -7.26 -10.69 3.99
N VAL A 81 -8.11 -10.82 2.96
CA VAL A 81 -7.73 -10.81 1.58
C VAL A 81 -8.04 -9.56 0.82
N VAL A 82 -7.03 -8.88 0.15
CA VAL A 82 -7.45 -7.87 -0.87
C VAL A 82 -8.11 -8.56 -2.10
N LYS A 83 -9.35 -8.12 -2.47
CA LYS A 83 -10.11 -8.65 -3.61
C LYS A 83 -10.55 -7.54 -4.56
N GLY A 84 -11.12 -6.40 -4.09
CA GLY A 84 -11.52 -5.32 -5.00
C GLY A 84 -11.31 -3.96 -4.37
N HIS A 85 -10.91 -2.93 -5.16
CA HIS A 85 -10.63 -1.61 -4.63
C HIS A 85 -11.12 -0.42 -5.43
N ARG A 86 -11.45 0.69 -4.69
CA ARG A 86 -12.04 1.87 -5.27
C ARG A 86 -11.48 3.11 -4.61
N LYS A 87 -11.64 4.28 -5.26
CA LYS A 87 -11.50 5.53 -4.55
C LYS A 87 -12.60 6.47 -5.01
N GLU A 88 -13.04 7.35 -4.07
CA GLU A 88 -14.06 8.37 -4.21
C GLU A 88 -13.35 9.71 -3.98
N SER A 89 -13.92 10.88 -4.40
CA SER A 89 -13.38 12.25 -4.24
C SER A 89 -13.12 12.73 -2.78
N GLY A 90 -12.17 12.08 -2.09
CA GLY A 90 -11.74 12.33 -0.72
C GLY A 90 -12.02 11.17 0.21
N GLU A 91 -12.34 9.96 -0.34
CA GLU A 91 -12.60 8.76 0.42
C GLU A 91 -11.94 7.62 -0.34
N LEU A 92 -11.45 6.58 0.36
CA LEU A 92 -10.68 5.49 -0.20
C LEU A 92 -11.25 4.22 0.37
N TYR A 93 -11.61 3.16 -0.41
CA TYR A 93 -11.92 1.94 0.34
C TYR A 93 -11.50 0.70 -0.41
N TYR A 94 -10.90 -0.21 0.36
CA TYR A 94 -10.40 -1.49 0.01
C TYR A 94 -11.34 -2.49 0.64
N SER A 95 -11.84 -3.46 -0.18
CA SER A 95 -12.68 -4.58 0.22
C SER A 95 -11.76 -5.73 0.56
N ILE A 96 -11.62 -5.88 1.89
CA ILE A 96 -10.74 -6.84 2.50
C ILE A 96 -11.61 -7.97 2.92
N GLU A 97 -11.40 -9.19 2.33
CA GLU A 97 -12.26 -10.34 2.65
C GLU A 97 -11.73 -11.08 3.86
N LYS A 98 -12.46 -10.91 4.96
CA LYS A 98 -11.98 -11.24 6.29
C LYS A 98 -13.06 -11.81 7.17
N GLU A 99 -12.77 -12.94 7.88
CA GLU A 99 -13.65 -13.65 8.82
C GLU A 99 -14.87 -14.31 8.15
N GLY A 100 -14.91 -14.20 6.80
CA GLY A 100 -15.86 -14.82 5.89
C GLY A 100 -16.64 -13.79 5.11
N GLN A 101 -16.45 -12.48 5.42
CA GLN A 101 -17.15 -11.37 4.80
C GLN A 101 -16.24 -10.23 4.47
N ARG A 102 -16.71 -9.20 3.72
CA ARG A 102 -15.89 -8.09 3.26
C ARG A 102 -15.93 -6.89 4.17
N LYS A 103 -14.73 -6.47 4.64
CA LYS A 103 -14.51 -5.29 5.47
C LYS A 103 -14.14 -4.18 4.51
N TRP A 104 -14.83 -3.02 4.53
CA TRP A 104 -14.49 -1.92 3.63
C TRP A 104 -13.69 -0.90 4.43
N TYR A 105 -12.38 -0.85 4.14
CA TYR A 105 -11.39 -0.03 4.84
C TYR A 105 -10.56 0.79 3.92
N LYS A 106 -10.26 2.09 4.24
CA LYS A 106 -9.13 2.83 3.71
C LYS A 106 -7.82 2.11 4.09
N ARG A 107 -6.83 2.17 3.20
CA ARG A 107 -5.54 1.47 3.13
C ARG A 107 -4.82 1.06 4.40
N MET A 108 -4.81 1.94 5.41
CA MET A 108 -4.20 1.83 6.73
C MET A 108 -4.72 0.69 7.61
N ALA A 109 -5.97 0.15 7.38
CA ALA A 109 -6.45 -1.01 8.14
C ALA A 109 -6.08 -2.37 7.59
N VAL A 110 -5.40 -2.38 6.44
CA VAL A 110 -4.81 -3.49 5.71
C VAL A 110 -3.35 -3.27 5.40
N ILE A 111 -2.42 -3.78 6.20
CA ILE A 111 -0.97 -3.63 5.96
C ILE A 111 -0.33 -4.88 5.36
N LEU A 112 1.01 -4.90 5.15
CA LEU A 112 1.68 -6.08 4.53
C LEU A 112 3.10 -6.32 5.04
N SER A 113 3.66 -7.55 4.80
CA SER A 113 5.04 -7.97 5.14
C SER A 113 5.90 -7.98 3.87
N LEU A 114 7.29 -8.04 3.94
CA LEU A 114 8.14 -8.00 2.72
C LEU A 114 7.93 -9.04 1.66
N GLU A 115 7.87 -10.33 1.97
CA GLU A 115 7.68 -11.39 0.94
C GLU A 115 6.36 -11.48 0.18
N GLN A 116 5.35 -10.69 0.66
CA GLN A 116 4.13 -10.33 -0.09
C GLN A 116 4.46 -9.17 -1.08
N GLY A 117 5.42 -8.32 -0.67
CA GLY A 117 6.02 -7.12 -1.24
C GLY A 117 6.99 -7.46 -2.34
N ASN A 118 8.01 -8.31 -2.06
CA ASN A 118 9.06 -8.79 -2.97
C ASN A 118 8.57 -9.70 -4.09
N ARG A 119 7.46 -10.42 -3.84
CA ARG A 119 6.80 -11.29 -4.82
C ARG A 119 6.14 -10.51 -5.97
N LEU A 120 5.66 -9.28 -5.63
CA LEU A 120 5.04 -8.22 -6.44
C LEU A 120 6.09 -7.30 -6.95
N ARG A 121 7.10 -6.92 -6.13
CA ARG A 121 8.09 -5.85 -6.31
C ARG A 121 8.66 -5.54 -7.71
N GLU A 122 8.96 -6.60 -8.49
CA GLU A 122 9.47 -6.58 -9.85
C GLU A 122 8.39 -6.58 -10.92
N GLN A 123 7.13 -6.98 -10.57
CA GLN A 123 5.98 -7.09 -11.43
C GLN A 123 4.98 -5.94 -11.27
N TYR A 124 4.57 -5.50 -10.02
CA TYR A 124 3.54 -4.45 -9.96
C TYR A 124 3.77 -3.23 -9.08
N GLY A 125 4.97 -2.91 -8.49
CA GLY A 125 4.89 -1.78 -7.60
C GLY A 125 6.17 -1.70 -6.88
N LEU A 126 6.41 -2.57 -5.85
CA LEU A 126 7.48 -2.57 -4.82
C LEU A 126 8.98 -2.38 -5.18
N GLY A 127 9.26 -1.93 -6.42
CA GLY A 127 10.57 -1.46 -6.90
C GLY A 127 10.59 -0.94 -8.33
N PRO A 128 10.49 0.36 -8.70
CA PRO A 128 10.63 0.80 -10.11
C PRO A 128 12.12 1.03 -10.48
N TYR A 129 12.93 1.47 -9.48
CA TYR A 129 14.33 1.82 -9.52
C TYR A 129 15.07 0.87 -8.59
N GLU A 130 16.34 0.55 -8.93
CA GLU A 130 17.22 -0.34 -8.18
C GLU A 130 18.22 0.46 -7.36
N ASN A 8 1.21 12.70 -14.88
CA ASN A 8 -0.20 12.51 -14.70
C ASN A 8 -0.50 11.06 -14.39
N SER A 9 0.52 10.18 -14.49
CA SER A 9 0.49 8.74 -14.26
C SER A 9 0.43 8.35 -12.78
N PHE A 10 1.41 8.86 -12.00
CA PHE A 10 1.58 8.55 -10.58
C PHE A 10 0.91 9.56 -9.68
N VAL A 11 0.42 10.69 -10.21
CA VAL A 11 -0.23 11.74 -9.43
C VAL A 11 -1.62 11.43 -8.80
N GLY A 12 -2.20 10.22 -9.06
CA GLY A 12 -3.39 9.71 -8.38
C GLY A 12 -3.21 8.25 -8.05
N LEU A 13 -1.99 7.89 -7.59
CA LEU A 13 -1.55 6.52 -7.26
C LEU A 13 -1.93 6.05 -5.87
N ARG A 14 -1.85 4.71 -5.76
CA ARG A 14 -2.23 3.87 -4.63
C ARG A 14 -0.95 3.32 -4.07
N VAL A 15 -0.52 3.70 -2.84
CA VAL A 15 0.82 3.34 -2.40
C VAL A 15 0.87 2.72 -1.04
N VAL A 16 2.00 2.07 -0.71
CA VAL A 16 2.25 1.49 0.63
C VAL A 16 3.55 2.06 1.05
N ALA A 17 3.77 2.09 2.38
CA ALA A 17 4.73 2.91 3.06
C ALA A 17 5.72 2.18 3.97
N LYS A 18 6.99 2.08 3.55
CA LYS A 18 8.10 1.48 4.29
C LYS A 18 9.19 2.55 4.41
N TRP A 19 9.86 2.80 5.56
CA TRP A 19 10.95 3.80 5.58
C TRP A 19 12.34 3.23 5.27
N SER A 20 12.74 2.20 6.03
CA SER A 20 13.93 1.41 5.85
C SER A 20 13.30 0.04 5.87
N SER A 21 13.87 -1.01 5.21
CA SER A 21 13.25 -2.34 5.08
C SER A 21 12.96 -3.05 6.40
N ASN A 22 11.64 -3.13 6.72
CA ASN A 22 11.12 -3.50 8.02
C ASN A 22 10.66 -4.92 8.24
N GLY A 23 10.13 -5.54 7.17
CA GLY A 23 9.43 -6.81 7.16
C GLY A 23 7.95 -6.61 6.99
N TYR A 24 7.39 -5.41 7.28
CA TYR A 24 6.09 -4.90 6.87
C TYR A 24 6.07 -3.47 6.42
N PHE A 25 5.12 -3.11 5.50
CA PHE A 25 4.92 -1.79 4.91
C PHE A 25 3.52 -1.42 5.36
N TYR A 26 3.35 -0.12 5.65
CA TYR A 26 2.28 0.74 6.13
C TYR A 26 1.58 1.36 4.95
N SER A 27 0.66 2.32 5.17
CA SER A 27 -0.18 2.93 4.17
C SER A 27 0.08 4.38 3.64
N GLY A 28 0.13 4.61 2.29
CA GLY A 28 0.33 5.93 1.65
C GLY A 28 -0.51 6.23 0.40
N LYS A 29 -0.59 7.53 -0.01
CA LYS A 29 -1.16 7.95 -1.32
C LYS A 29 -0.24 8.94 -2.09
N ILE A 30 -0.12 8.93 -3.49
CA ILE A 30 0.76 9.88 -4.24
C ILE A 30 0.04 11.07 -4.83
N THR A 31 0.75 12.23 -4.82
CA THR A 31 0.29 13.52 -5.33
C THR A 31 1.20 14.03 -6.45
N ARG A 32 2.49 13.58 -6.54
CA ARG A 32 3.38 14.04 -7.59
C ARG A 32 4.43 12.95 -7.67
N ASP A 33 5.27 12.83 -8.73
CA ASP A 33 6.39 11.88 -8.80
C ASP A 33 7.70 12.64 -8.61
N VAL A 34 8.68 12.06 -7.85
CA VAL A 34 9.99 12.67 -7.63
C VAL A 34 10.96 11.85 -8.45
N GLY A 35 11.74 12.49 -9.36
CA GLY A 35 12.73 11.97 -10.33
C GLY A 35 12.78 10.52 -10.80
N ALA A 36 13.92 9.83 -10.53
CA ALA A 36 14.19 8.43 -10.82
C ALA A 36 14.14 7.59 -9.56
N GLY A 37 13.12 6.71 -9.48
CA GLY A 37 12.88 5.78 -8.39
C GLY A 37 12.29 6.37 -7.15
N LYS A 38 11.55 7.50 -7.27
CA LYS A 38 10.93 8.20 -6.16
C LYS A 38 9.48 8.57 -6.44
N TYR A 39 8.71 8.87 -5.35
CA TYR A 39 7.31 9.23 -5.25
C TYR A 39 7.09 10.38 -4.25
N LYS A 40 6.22 11.43 -4.52
CA LYS A 40 5.91 12.54 -3.59
C LYS A 40 4.57 12.19 -3.09
N LEU A 41 4.60 11.94 -1.78
CA LEU A 41 3.50 11.24 -1.17
C LEU A 41 2.97 11.89 0.02
N LEU A 42 1.71 11.58 0.35
CA LEU A 42 1.19 11.98 1.61
C LEU A 42 0.60 10.74 2.18
N PHE A 43 0.65 10.46 3.51
CA PHE A 43 -0.02 9.27 4.08
C PHE A 43 -1.54 9.52 4.08
N ASP A 44 -2.44 8.48 3.95
CA ASP A 44 -3.91 8.68 3.88
C ASP A 44 -4.59 9.35 5.10
N ASP A 45 -3.76 9.52 6.14
CA ASP A 45 -3.94 10.18 7.42
C ASP A 45 -3.20 11.55 7.52
N GLY A 46 -2.45 12.02 6.48
CA GLY A 46 -1.94 13.40 6.37
C GLY A 46 -0.48 13.72 6.61
N TYR A 47 0.44 12.73 6.61
CA TYR A 47 1.87 12.96 6.82
C TYR A 47 2.60 12.96 5.47
N GLU A 48 3.06 14.15 4.95
CA GLU A 48 3.75 14.30 3.67
C GLU A 48 5.27 14.21 3.71
N CYS A 49 5.87 13.80 2.55
CA CYS A 49 7.30 13.68 2.41
C CYS A 49 7.52 13.66 0.91
N ASP A 50 8.79 13.59 0.44
CA ASP A 50 9.12 13.26 -0.93
C ASP A 50 10.02 12.13 -0.61
N VAL A 51 9.84 10.96 -1.24
CA VAL A 51 10.51 9.79 -0.77
C VAL A 51 10.82 8.86 -1.89
N LEU A 52 11.66 7.82 -1.63
CA LEU A 52 12.01 6.77 -2.58
C LEU A 52 10.99 5.69 -2.82
N GLY A 53 11.11 5.06 -4.02
CA GLY A 53 10.09 4.27 -4.69
C GLY A 53 10.13 2.80 -4.44
N LYS A 54 11.09 2.42 -3.60
CA LYS A 54 11.32 1.12 -3.02
C LYS A 54 10.98 1.27 -1.51
N ASP A 55 10.22 2.34 -1.13
CA ASP A 55 9.84 2.74 0.22
C ASP A 55 8.37 3.09 0.25
N ILE A 56 7.95 4.29 -0.26
CA ILE A 56 6.53 4.67 -0.38
C ILE A 56 6.27 4.75 -1.88
N LEU A 57 5.64 3.69 -2.39
CA LEU A 57 5.61 3.40 -3.80
C LEU A 57 4.32 3.02 -4.39
N LEU A 58 4.16 3.17 -5.77
CA LEU A 58 3.13 2.73 -6.73
C LEU A 58 2.92 1.29 -6.59
N CYS A 59 1.89 0.91 -5.92
CA CYS A 59 1.66 -0.42 -5.53
C CYS A 59 0.30 -0.58 -6.17
N ASP A 60 -0.23 -1.77 -6.13
CA ASP A 60 -1.66 -2.05 -6.40
C ASP A 60 -2.57 -1.49 -5.22
N PRO A 61 -2.27 -1.64 -3.87
CA PRO A 61 -1.08 -2.20 -3.28
C PRO A 61 -0.78 -3.59 -3.60
N ILE A 62 -1.57 -4.59 -3.24
CA ILE A 62 -1.12 -5.96 -3.44
C ILE A 62 -2.18 -6.67 -4.20
N PRO A 63 -1.88 -7.82 -4.88
CA PRO A 63 -2.74 -8.46 -5.85
C PRO A 63 -4.18 -8.74 -5.42
N LEU A 64 -5.21 -7.98 -5.91
CA LEU A 64 -6.68 -7.96 -5.62
C LEU A 64 -7.52 -9.21 -5.43
N ASP A 65 -6.82 -10.30 -5.20
CA ASP A 65 -7.21 -11.68 -5.06
C ASP A 65 -6.59 -12.42 -3.88
N THR A 66 -5.60 -11.76 -3.25
CA THR A 66 -4.51 -12.32 -2.49
C THR A 66 -4.51 -11.90 -1.11
N GLU A 67 -3.87 -12.78 -0.36
CA GLU A 67 -3.46 -12.79 1.01
C GLU A 67 -2.49 -11.64 1.24
N VAL A 68 -2.88 -10.86 2.25
CA VAL A 68 -2.33 -9.61 2.79
C VAL A 68 -2.85 -9.52 4.17
N THR A 69 -2.38 -8.49 4.89
CA THR A 69 -2.75 -8.36 6.30
C THR A 69 -3.59 -7.13 6.56
N ALA A 70 -4.35 -7.16 7.68
CA ALA A 70 -5.19 -6.11 8.17
C ALA A 70 -4.47 -5.43 9.31
N LEU A 71 -4.54 -4.08 9.39
CA LEU A 71 -3.82 -3.31 10.39
C LEU A 71 -4.63 -2.95 11.60
N SER A 72 -4.21 -3.64 12.66
CA SER A 72 -4.55 -3.68 14.06
C SER A 72 -3.12 -3.77 14.57
N GLU A 73 -2.79 -3.60 15.86
CA GLU A 73 -1.43 -3.64 16.40
C GLU A 73 -0.37 -4.67 15.89
N ASP A 74 0.91 -4.26 16.04
CA ASP A 74 2.14 -4.84 15.47
C ASP A 74 2.42 -6.34 15.49
N GLU A 75 2.27 -6.99 16.65
CA GLU A 75 2.34 -8.43 16.87
C GLU A 75 0.98 -9.02 17.23
N TYR A 76 -0.10 -8.19 17.15
CA TYR A 76 -1.45 -8.55 17.61
C TYR A 76 -2.41 -8.72 16.44
N PHE A 77 -2.15 -8.03 15.30
CA PHE A 77 -2.87 -8.12 14.01
C PHE A 77 -3.06 -9.53 13.36
N SER A 78 -3.99 -9.64 12.38
CA SER A 78 -4.37 -10.91 11.78
C SER A 78 -4.58 -10.74 10.29
N ALA A 79 -4.33 -11.82 9.50
CA ALA A 79 -4.45 -11.86 8.06
C ALA A 79 -5.85 -12.01 7.45
N GLY A 80 -5.90 -11.63 6.16
CA GLY A 80 -7.05 -11.62 5.27
C GLY A 80 -6.60 -11.59 3.86
N VAL A 81 -7.55 -11.31 2.97
CA VAL A 81 -7.32 -11.29 1.55
C VAL A 81 -7.83 -10.01 1.01
N VAL A 82 -7.11 -9.38 0.04
CA VAL A 82 -7.64 -8.29 -0.76
C VAL A 82 -8.46 -8.93 -1.87
N LYS A 83 -9.73 -8.48 -2.08
CA LYS A 83 -10.58 -9.08 -3.11
C LYS A 83 -11.18 -8.09 -4.10
N GLY A 84 -10.86 -6.78 -3.95
CA GLY A 84 -11.41 -5.74 -4.82
C GLY A 84 -11.16 -4.40 -4.19
N HIS A 85 -11.03 -3.32 -5.00
CA HIS A 85 -10.79 -1.98 -4.47
C HIS A 85 -11.30 -0.84 -5.30
N ARG A 86 -11.34 0.39 -4.70
CA ARG A 86 -11.86 1.55 -5.38
C ARG A 86 -11.34 2.83 -4.74
N LYS A 87 -11.40 3.97 -5.45
CA LYS A 87 -11.35 5.25 -4.78
C LYS A 87 -12.37 6.15 -5.41
N GLU A 88 -12.99 7.03 -4.60
CA GLU A 88 -14.03 7.97 -5.00
C GLU A 88 -13.58 9.33 -4.51
N SER A 89 -14.12 10.47 -5.03
CA SER A 89 -13.78 11.85 -4.67
C SER A 89 -14.00 12.25 -3.20
N GLY A 90 -13.06 11.83 -2.31
CA GLY A 90 -13.08 12.00 -0.86
C GLY A 90 -13.22 10.71 -0.10
N GLU A 91 -13.24 9.53 -0.80
CA GLU A 91 -13.39 8.22 -0.21
C GLU A 91 -12.34 7.31 -0.78
N LEU A 92 -11.73 6.43 0.02
CA LEU A 92 -10.74 5.49 -0.46
C LEU A 92 -11.15 4.18 0.14
N TYR A 93 -11.42 3.05 -0.58
CA TYR A 93 -11.60 1.83 0.19
C TYR A 93 -11.07 0.62 -0.53
N TYR A 94 -10.30 -0.20 0.23
CA TYR A 94 -9.77 -1.50 -0.13
C TYR A 94 -10.62 -2.52 0.61
N SER A 95 -10.92 -3.68 -0.03
CA SER A 95 -11.75 -4.77 0.51
C SER A 95 -10.88 -5.92 0.95
N ILE A 96 -11.00 -6.28 2.26
CA ILE A 96 -10.22 -7.26 2.96
C ILE A 96 -11.22 -8.28 3.39
N GLU A 97 -11.15 -9.53 2.85
CA GLU A 97 -11.99 -10.67 3.26
C GLU A 97 -11.26 -11.34 4.41
N LYS A 98 -11.86 -11.25 5.62
CA LYS A 98 -11.09 -11.44 6.85
C LYS A 98 -11.86 -12.13 7.93
N GLU A 99 -11.29 -13.21 8.54
CA GLU A 99 -11.87 -14.00 9.64
C GLU A 99 -13.15 -14.79 9.28
N GLY A 100 -13.54 -14.71 7.99
CA GLY A 100 -14.66 -15.41 7.38
C GLY A 100 -15.67 -14.46 6.81
N GLN A 101 -15.54 -13.14 7.12
CA GLN A 101 -16.42 -12.08 6.69
C GLN A 101 -15.66 -10.94 6.08
N ARG A 102 -16.35 -9.95 5.48
CA ARG A 102 -15.73 -8.81 4.81
C ARG A 102 -15.55 -7.58 5.67
N LYS A 103 -14.38 -6.90 5.51
CA LYS A 103 -14.06 -5.64 6.16
C LYS A 103 -13.62 -4.72 5.03
N TRP A 104 -14.15 -3.47 4.96
CA TRP A 104 -13.84 -2.52 3.89
C TRP A 104 -13.33 -1.24 4.53
N TYR A 105 -12.00 -0.97 4.36
CA TYR A 105 -11.26 0.13 4.96
C TYR A 105 -10.46 0.90 3.92
N LYS A 106 -10.17 2.24 4.13
CA LYS A 106 -9.15 3.02 3.45
C LYS A 106 -7.77 2.42 3.71
N ARG A 107 -6.75 2.76 2.89
CA ARG A 107 -5.34 2.27 2.91
C ARG A 107 -4.71 1.92 4.29
N MET A 108 -5.09 2.68 5.35
CA MET A 108 -4.73 2.60 6.77
C MET A 108 -4.99 1.29 7.48
N ALA A 109 -6.04 0.49 7.10
CA ALA A 109 -6.22 -0.82 7.78
C ALA A 109 -5.98 -2.02 6.90
N VAL A 110 -5.39 -1.83 5.71
CA VAL A 110 -5.00 -2.84 4.76
C VAL A 110 -3.53 -2.67 4.41
N ILE A 111 -2.66 -3.54 4.94
CA ILE A 111 -1.21 -3.44 4.76
C ILE A 111 -0.58 -4.76 4.28
N LEU A 112 0.79 -4.83 4.26
CA LEU A 112 1.57 -5.98 3.77
C LEU A 112 2.91 -6.25 4.46
N SER A 113 3.41 -7.52 4.39
CA SER A 113 4.72 -7.99 4.85
C SER A 113 5.64 -8.15 3.64
N LEU A 114 7.01 -8.33 3.75
CA LEU A 114 7.87 -8.38 2.55
C LEU A 114 7.66 -9.52 1.59
N GLU A 115 7.21 -10.74 1.92
CA GLU A 115 7.00 -11.75 0.86
C GLU A 115 5.67 -11.71 0.15
N GLN A 116 4.74 -10.91 0.70
CA GLN A 116 3.46 -10.49 0.14
C GLN A 116 3.59 -9.20 -0.68
N GLY A 117 4.65 -8.39 -0.37
CA GLY A 117 5.17 -7.20 -1.04
C GLY A 117 6.24 -7.40 -2.08
N ASN A 118 7.28 -8.26 -1.83
CA ASN A 118 8.41 -8.59 -2.72
C ASN A 118 8.03 -9.51 -3.85
N ARG A 119 6.86 -10.20 -3.70
CA ARG A 119 6.25 -11.04 -4.71
C ARG A 119 5.56 -10.18 -5.80
N LEU A 120 5.24 -8.89 -5.42
CA LEU A 120 4.62 -7.81 -6.20
C LEU A 120 5.72 -7.01 -6.82
N ARG A 121 6.76 -6.68 -6.03
CA ARG A 121 7.92 -5.86 -6.34
C ARG A 121 8.52 -5.79 -7.77
N GLU A 122 8.66 -6.95 -8.44
CA GLU A 122 9.14 -7.14 -9.79
C GLU A 122 8.03 -7.10 -10.86
N GLN A 123 6.74 -7.27 -10.46
CA GLN A 123 5.55 -7.26 -11.30
C GLN A 123 4.71 -6.00 -11.21
N TYR A 124 4.41 -5.47 -9.98
CA TYR A 124 3.46 -4.35 -9.87
C TYR A 124 3.90 -3.17 -9.04
N GLY A 125 5.19 -2.89 -8.66
CA GLY A 125 5.33 -1.63 -7.99
C GLY A 125 6.53 -1.48 -7.18
N LEU A 126 6.85 -2.46 -6.32
CA LEU A 126 7.86 -2.37 -5.26
C LEU A 126 9.34 -2.28 -5.62
N GLY A 127 9.59 -2.01 -6.91
CA GLY A 127 10.91 -1.73 -7.45
C GLY A 127 10.88 -0.97 -8.77
N PRO A 128 10.91 0.37 -8.87
CA PRO A 128 11.05 1.10 -10.13
C PRO A 128 12.54 1.28 -10.52
N TYR A 129 13.45 1.28 -9.53
CA TYR A 129 14.88 1.46 -9.59
C TYR A 129 15.53 0.16 -9.13
N GLU A 130 16.51 -0.35 -9.91
CA GLU A 130 17.21 -1.59 -9.63
C GLU A 130 18.39 -1.64 -10.57
N ASN A 8 2.27 13.94 -12.72
CA ASN A 8 1.55 14.26 -13.92
C ASN A 8 0.89 13.01 -14.47
N SER A 9 1.46 11.81 -14.17
CA SER A 9 0.98 10.49 -14.58
C SER A 9 0.25 9.72 -13.47
N PHE A 10 0.89 9.51 -12.29
CA PHE A 10 0.42 8.70 -11.17
C PHE A 10 -0.30 9.47 -10.09
N VAL A 11 -0.96 10.54 -10.50
CA VAL A 11 -1.70 11.53 -9.74
C VAL A 11 -2.77 11.04 -8.75
N GLY A 12 -3.42 9.88 -9.06
CA GLY A 12 -4.32 9.14 -8.19
C GLY A 12 -3.93 7.68 -8.04
N LEU A 13 -2.59 7.38 -7.91
CA LEU A 13 -1.99 6.06 -7.62
C LEU A 13 -2.16 5.74 -6.09
N ARG A 14 -1.97 4.47 -5.66
CA ARG A 14 -2.24 3.87 -4.36
C ARG A 14 -0.92 3.34 -3.81
N VAL A 15 -0.50 3.63 -2.56
CA VAL A 15 0.84 3.27 -2.09
C VAL A 15 0.92 2.58 -0.78
N VAL A 16 2.11 2.01 -0.52
CA VAL A 16 2.43 1.35 0.74
C VAL A 16 3.68 1.99 1.23
N ALA A 17 3.84 2.09 2.57
CA ALA A 17 4.86 2.91 3.21
C ALA A 17 5.88 2.17 4.00
N LYS A 18 7.10 2.11 3.47
CA LYS A 18 8.22 1.50 4.14
C LYS A 18 9.40 2.51 4.10
N TRP A 19 9.69 3.37 5.12
CA TRP A 19 10.85 4.30 5.12
C TRP A 19 12.21 3.55 5.19
N SER A 20 12.24 2.54 6.08
CA SER A 20 13.21 1.46 6.14
C SER A 20 12.27 0.27 6.19
N SER A 21 12.62 -0.91 5.61
CA SER A 21 11.83 -2.17 5.60
C SER A 21 11.75 -2.80 7.01
N ASN A 22 10.54 -3.10 7.56
CA ASN A 22 10.35 -3.51 8.97
C ASN A 22 10.11 -4.99 9.21
N GLY A 23 9.84 -5.66 8.10
CA GLY A 23 9.23 -6.99 7.98
C GLY A 23 7.85 -6.81 7.43
N TYR A 24 7.33 -5.58 7.57
CA TYR A 24 6.11 -5.00 7.00
C TYR A 24 6.28 -3.59 6.44
N PHE A 25 5.25 -3.13 5.65
CA PHE A 25 5.00 -1.77 5.12
C PHE A 25 3.69 -1.35 5.73
N TYR A 26 3.58 -0.02 5.91
CA TYR A 26 2.54 0.87 6.37
C TYR A 26 1.73 1.39 5.17
N SER A 27 0.81 2.35 5.39
CA SER A 27 -0.22 2.83 4.46
C SER A 27 -0.12 4.27 3.86
N GLY A 28 -0.10 4.43 2.49
CA GLY A 28 -0.01 5.71 1.75
C GLY A 28 -0.87 5.90 0.49
N LYS A 29 -1.01 7.18 0.01
CA LYS A 29 -1.66 7.59 -1.25
C LYS A 29 -0.69 8.37 -2.18
N ILE A 30 -0.67 8.29 -3.56
CA ILE A 30 0.14 9.26 -4.36
C ILE A 30 -0.63 10.54 -4.69
N THR A 31 0.13 11.67 -4.88
CA THR A 31 -0.34 12.96 -5.39
C THR A 31 0.32 13.24 -6.73
N ARG A 32 1.64 12.93 -6.91
CA ARG A 32 2.33 13.11 -8.18
C ARG A 32 3.50 12.15 -8.10
N ASP A 33 4.26 11.94 -9.19
CA ASP A 33 5.53 11.18 -9.15
C ASP A 33 6.71 12.16 -9.01
N VAL A 34 7.89 11.74 -8.49
CA VAL A 34 9.06 12.62 -8.46
C VAL A 34 10.13 11.89 -9.26
N GLY A 35 10.64 12.53 -10.36
CA GLY A 35 11.64 12.03 -11.33
C GLY A 35 11.50 10.60 -11.87
N ALA A 36 12.65 9.87 -11.92
CA ALA A 36 12.77 8.44 -12.13
C ALA A 36 13.13 7.82 -10.81
N GLY A 37 12.30 6.85 -10.34
CA GLY A 37 12.57 6.11 -9.13
C GLY A 37 11.89 6.65 -7.91
N LYS A 38 11.30 7.89 -7.91
CA LYS A 38 10.65 8.46 -6.73
C LYS A 38 9.16 8.71 -6.95
N TYR A 39 8.42 8.96 -5.82
CA TYR A 39 6.99 9.30 -5.72
C TYR A 39 6.73 10.45 -4.73
N LYS A 40 5.69 11.33 -4.95
CA LYS A 40 5.29 12.51 -4.16
C LYS A 40 3.94 12.09 -3.67
N LEU A 41 3.95 11.85 -2.36
CA LEU A 41 2.91 11.11 -1.71
C LEU A 41 2.38 11.70 -0.46
N LEU A 42 1.15 11.34 -0.09
CA LEU A 42 0.62 11.74 1.18
C LEU A 42 0.07 10.53 1.85
N PHE A 43 0.24 10.30 3.19
CA PHE A 43 -0.40 9.18 3.91
C PHE A 43 -1.90 9.47 4.06
N ASP A 44 -2.80 8.44 4.08
CA ASP A 44 -4.29 8.54 4.19
C ASP A 44 -4.84 9.37 5.36
N ASP A 45 -3.94 9.55 6.33
CA ASP A 45 -4.02 10.28 7.57
C ASP A 45 -3.38 11.69 7.51
N GLY A 46 -2.74 12.11 6.37
CA GLY A 46 -2.32 13.49 6.06
C GLY A 46 -0.88 13.88 6.22
N TYR A 47 0.08 12.93 6.27
CA TYR A 47 1.53 13.19 6.33
C TYR A 47 2.07 13.16 4.90
N GLU A 48 2.42 14.32 4.28
CA GLU A 48 3.00 14.38 2.94
C GLU A 48 4.48 14.64 2.92
N CYS A 49 5.09 14.11 1.83
CA CYS A 49 6.52 14.07 1.70
C CYS A 49 6.78 13.75 0.25
N ASP A 50 8.07 13.70 -0.17
CA ASP A 50 8.45 13.11 -1.45
C ASP A 50 9.46 12.08 -0.99
N VAL A 51 9.45 10.88 -1.59
CA VAL A 51 10.27 9.76 -1.15
C VAL A 51 10.66 8.92 -2.33
N LEU A 52 11.64 7.98 -2.14
CA LEU A 52 12.07 7.02 -3.16
C LEU A 52 11.16 5.82 -3.26
N GLY A 53 11.11 5.23 -4.48
CA GLY A 53 10.02 4.41 -4.95
C GLY A 53 10.03 2.95 -4.53
N LYS A 54 11.01 2.59 -3.68
CA LYS A 54 11.12 1.31 -2.99
C LYS A 54 10.76 1.56 -1.49
N ASP A 55 10.24 2.78 -1.15
CA ASP A 55 9.86 3.21 0.19
C ASP A 55 8.38 3.49 0.22
N ILE A 56 7.90 4.68 -0.20
CA ILE A 56 6.46 4.96 -0.20
C ILE A 56 6.11 5.09 -1.67
N LEU A 57 5.57 3.97 -2.18
CA LEU A 57 5.53 3.65 -3.59
C LEU A 57 4.28 3.15 -4.21
N LEU A 58 4.16 3.32 -5.57
CA LEU A 58 3.17 2.85 -6.51
C LEU A 58 2.86 1.40 -6.49
N CYS A 59 1.74 1.11 -5.88
CA CYS A 59 1.29 -0.19 -5.63
C CYS A 59 -0.11 -0.21 -6.25
N ASP A 60 -0.68 -1.42 -6.22
CA ASP A 60 -2.08 -1.85 -6.44
C ASP A 60 -2.89 -1.36 -5.21
N PRO A 61 -2.47 -1.51 -3.90
CA PRO A 61 -1.26 -2.14 -3.38
C PRO A 61 -0.99 -3.51 -3.79
N ILE A 62 -1.66 -4.54 -3.29
CA ILE A 62 -1.20 -5.89 -3.52
C ILE A 62 -2.24 -6.80 -4.14
N PRO A 63 -1.85 -7.94 -4.80
CA PRO A 63 -2.64 -8.81 -5.66
C PRO A 63 -3.92 -9.33 -5.05
N LEU A 64 -5.09 -9.02 -5.67
CA LEU A 64 -6.52 -9.29 -5.55
C LEU A 64 -7.06 -10.67 -5.17
N ASP A 65 -6.09 -11.42 -4.70
CA ASP A 65 -5.95 -12.79 -4.29
C ASP A 65 -5.10 -12.92 -3.03
N THR A 66 -4.87 -11.83 -2.23
CA THR A 66 -3.78 -11.80 -1.25
C THR A 66 -4.23 -11.75 0.11
N GLU A 67 -3.93 -12.80 0.86
CA GLU A 67 -4.01 -12.80 2.32
C GLU A 67 -2.94 -11.85 2.91
N VAL A 68 -3.36 -10.59 3.14
CA VAL A 68 -2.65 -9.44 3.68
C VAL A 68 -3.02 -9.37 5.10
N THR A 69 -2.38 -8.49 5.86
CA THR A 69 -2.62 -8.38 7.30
C THR A 69 -3.57 -7.24 7.57
N ALA A 70 -4.52 -7.43 8.50
CA ALA A 70 -5.50 -6.45 8.89
C ALA A 70 -5.20 -5.89 10.28
N LEU A 71 -5.38 -4.56 10.49
CA LEU A 71 -4.98 -3.89 11.73
C LEU A 71 -5.67 -4.24 13.06
N SER A 72 -4.85 -4.95 13.83
CA SER A 72 -4.92 -5.40 15.18
C SER A 72 -3.49 -5.17 15.62
N GLU A 73 -3.16 -5.26 16.92
CA GLU A 73 -1.84 -5.07 17.52
C GLU A 73 -0.56 -5.59 16.81
N ASP A 74 0.58 -4.99 17.23
CA ASP A 74 1.95 -5.04 16.64
C ASP A 74 2.55 -6.37 16.19
N GLU A 75 2.54 -7.42 17.03
CA GLU A 75 2.99 -8.76 16.69
C GLU A 75 1.81 -9.72 16.61
N TYR A 76 0.57 -9.19 16.78
CA TYR A 76 -0.62 -9.99 17.07
C TYR A 76 -1.68 -9.94 15.99
N PHE A 77 -1.59 -8.94 15.06
CA PHE A 77 -2.44 -8.82 13.83
C PHE A 77 -2.49 -10.03 12.86
N SER A 78 -3.60 -10.13 12.07
CA SER A 78 -3.87 -11.38 11.35
C SER A 78 -4.35 -11.12 9.95
N ALA A 79 -4.22 -12.14 9.06
CA ALA A 79 -4.51 -12.08 7.64
C ALA A 79 -5.95 -12.27 7.17
N GLY A 80 -6.27 -11.62 6.02
CA GLY A 80 -7.55 -11.62 5.31
C GLY A 80 -7.20 -11.21 3.92
N VAL A 81 -8.10 -11.45 2.95
CA VAL A 81 -7.76 -11.44 1.54
C VAL A 81 -8.15 -10.20 0.84
N VAL A 82 -7.16 -9.44 0.28
CA VAL A 82 -7.45 -8.29 -0.59
C VAL A 82 -8.02 -8.76 -1.91
N LYS A 83 -9.12 -8.13 -2.40
CA LYS A 83 -9.80 -8.55 -3.62
C LYS A 83 -10.16 -7.40 -4.53
N GLY A 84 -10.65 -6.28 -3.94
CA GLY A 84 -11.19 -5.17 -4.75
C GLY A 84 -10.74 -3.87 -4.16
N HIS A 85 -10.33 -2.89 -4.97
CA HIS A 85 -9.88 -1.63 -4.40
C HIS A 85 -10.11 -0.48 -5.34
N ARG A 86 -9.98 0.77 -4.78
CA ARG A 86 -10.16 1.97 -5.56
C ARG A 86 -9.42 3.11 -4.88
N LYS A 87 -9.18 4.23 -5.59
CA LYS A 87 -8.81 5.45 -4.91
C LYS A 87 -9.58 6.55 -5.57
N GLU A 88 -10.10 7.48 -4.74
CA GLU A 88 -10.86 8.66 -5.12
C GLU A 88 -10.02 9.82 -4.60
N SER A 89 -10.21 11.07 -5.10
CA SER A 89 -9.48 12.30 -4.73
C SER A 89 -9.52 12.76 -3.27
N GLY A 90 -8.91 11.95 -2.37
CA GLY A 90 -8.83 12.15 -0.92
C GLY A 90 -9.53 11.07 -0.13
N GLU A 91 -10.09 10.01 -0.77
CA GLU A 91 -10.82 8.94 -0.14
C GLU A 91 -10.15 7.67 -0.63
N LEU A 92 -9.94 6.67 0.24
CA LEU A 92 -9.35 5.44 -0.18
C LEU A 92 -10.29 4.36 0.18
N TYR A 93 -10.55 3.37 -0.69
CA TYR A 93 -11.23 2.20 -0.15
C TYR A 93 -10.45 1.00 -0.64
N TYR A 94 -9.95 0.19 0.32
CA TYR A 94 -9.22 -1.04 0.10
C TYR A 94 -10.07 -2.09 0.80
N SER A 95 -10.58 -3.09 0.04
CA SER A 95 -11.51 -4.14 0.45
C SER A 95 -10.81 -5.47 0.75
N ILE A 96 -11.05 -6.03 1.98
CA ILE A 96 -10.39 -7.24 2.48
C ILE A 96 -11.46 -8.21 2.89
N GLU A 97 -11.37 -9.52 2.47
CA GLU A 97 -12.36 -10.56 2.81
C GLU A 97 -11.83 -11.40 3.95
N LYS A 98 -12.55 -11.41 5.10
CA LYS A 98 -11.99 -11.96 6.33
C LYS A 98 -13.01 -12.66 7.19
N GLU A 99 -12.70 -13.88 7.73
CA GLU A 99 -13.54 -14.67 8.66
C GLU A 99 -14.85 -15.19 8.06
N GLY A 100 -15.02 -14.91 6.74
CA GLY A 100 -16.14 -15.29 5.89
C GLY A 100 -16.90 -14.07 5.47
N GLN A 101 -16.60 -12.91 6.09
CA GLN A 101 -17.25 -11.63 5.84
C GLN A 101 -16.31 -10.60 5.30
N ARG A 102 -16.85 -9.45 4.83
CA ARG A 102 -16.07 -8.39 4.24
C ARG A 102 -15.75 -7.33 5.25
N LYS A 103 -14.50 -6.78 5.16
CA LYS A 103 -14.07 -5.64 5.96
C LYS A 103 -13.70 -4.61 4.92
N TRP A 104 -14.36 -3.43 4.93
CA TRP A 104 -14.10 -2.35 3.98
C TRP A 104 -13.46 -1.23 4.82
N TYR A 105 -12.23 -0.85 4.44
CA TYR A 105 -11.38 0.13 5.07
C TYR A 105 -10.91 1.09 4.00
N LYS A 106 -10.16 2.12 4.44
CA LYS A 106 -9.27 2.96 3.70
C LYS A 106 -7.97 2.31 4.12
N ARG A 107 -6.90 2.45 3.31
CA ARG A 107 -5.54 1.88 3.46
C ARG A 107 -4.98 1.66 4.86
N MET A 108 -5.29 2.53 5.83
CA MET A 108 -4.74 2.55 7.17
C MET A 108 -5.06 1.35 8.08
N ALA A 109 -6.14 0.54 7.76
CA ALA A 109 -6.45 -0.68 8.51
C ALA A 109 -6.06 -1.98 7.83
N VAL A 110 -5.37 -1.90 6.69
CA VAL A 110 -4.82 -2.96 5.89
C VAL A 110 -3.37 -2.66 5.73
N ILE A 111 -2.47 -3.55 6.12
CA ILE A 111 -1.04 -3.41 5.85
C ILE A 111 -0.47 -4.67 5.19
N LEU A 112 0.87 -4.72 4.92
CA LEU A 112 1.51 -5.87 4.26
C LEU A 112 2.95 -6.12 4.70
N SER A 113 3.40 -7.41 4.65
CA SER A 113 4.69 -7.99 5.01
C SER A 113 5.69 -7.99 3.85
N LEU A 114 7.07 -8.18 4.03
CA LEU A 114 7.98 -8.21 2.84
C LEU A 114 7.78 -9.39 1.90
N GLU A 115 7.53 -10.66 2.27
CA GLU A 115 7.30 -11.69 1.22
C GLU A 115 5.93 -11.72 0.55
N GLN A 116 4.93 -10.98 1.12
CA GLN A 116 3.66 -10.70 0.43
C GLN A 116 3.73 -9.39 -0.36
N GLY A 117 4.76 -8.55 -0.10
CA GLY A 117 5.18 -7.32 -0.78
C GLY A 117 6.26 -7.41 -1.84
N ASN A 118 7.37 -8.16 -1.58
CA ASN A 118 8.54 -8.36 -2.44
C ASN A 118 8.28 -9.32 -3.57
N ARG A 119 7.14 -10.06 -3.45
CA ARG A 119 6.59 -10.94 -4.46
C ARG A 119 5.92 -10.14 -5.59
N LEU A 120 5.58 -8.84 -5.27
CA LEU A 120 4.95 -7.79 -6.06
C LEU A 120 6.00 -6.95 -6.69
N ARG A 121 7.10 -6.67 -5.96
CA ARG A 121 8.13 -5.69 -6.28
C ARG A 121 8.75 -5.63 -7.68
N GLU A 122 8.89 -6.83 -8.31
CA GLU A 122 9.40 -7.10 -9.63
C GLU A 122 8.30 -7.20 -10.69
N GLN A 123 7.01 -7.39 -10.30
CA GLN A 123 5.87 -7.51 -11.19
C GLN A 123 5.01 -6.26 -11.23
N TYR A 124 4.68 -5.62 -10.06
CA TYR A 124 3.72 -4.51 -10.11
C TYR A 124 4.09 -3.18 -9.47
N GLY A 125 5.28 -2.90 -8.84
CA GLY A 125 5.29 -1.65 -8.10
C GLY A 125 6.44 -1.56 -7.17
N LEU A 126 6.62 -2.47 -6.17
CA LEU A 126 7.63 -2.39 -5.09
C LEU A 126 9.15 -2.14 -5.39
N GLY A 127 9.52 -1.90 -6.68
CA GLY A 127 10.87 -1.49 -7.08
C GLY A 127 11.02 -0.80 -8.43
N PRO A 128 10.98 0.54 -8.64
CA PRO A 128 11.16 1.17 -9.95
C PRO A 128 12.61 1.64 -10.22
N TYR A 129 13.65 1.10 -9.52
CA TYR A 129 15.05 1.53 -9.64
C TYR A 129 15.90 0.53 -10.46
N GLU A 130 16.47 0.99 -11.60
CA GLU A 130 17.28 0.21 -12.53
C GLU A 130 18.75 0.56 -12.45
N ASN A 8 0.41 12.64 -15.74
CA ASN A 8 -0.37 12.38 -16.93
C ASN A 8 -0.49 10.89 -17.15
N SER A 9 -0.10 10.11 -16.12
CA SER A 9 -0.10 8.65 -16.13
C SER A 9 -0.71 8.10 -14.86
N PHE A 10 0.13 7.57 -13.95
CA PHE A 10 -0.25 6.95 -12.68
C PHE A 10 0.44 7.59 -11.54
N VAL A 11 0.65 8.92 -11.64
CA VAL A 11 1.15 9.77 -10.55
C VAL A 11 0.14 10.14 -9.45
N GLY A 12 -1.10 9.58 -9.47
CA GLY A 12 -2.21 9.73 -8.53
C GLY A 12 -2.71 8.36 -8.10
N LEU A 13 -1.81 7.35 -8.17
CA LEU A 13 -1.92 5.93 -7.84
C LEU A 13 -1.74 5.71 -6.31
N ARG A 14 -2.06 4.48 -5.83
CA ARG A 14 -2.34 4.08 -4.45
C ARG A 14 -1.10 3.53 -3.80
N VAL A 15 -0.78 3.84 -2.51
CA VAL A 15 0.60 3.63 -2.04
C VAL A 15 0.78 2.89 -0.73
N VAL A 16 2.02 2.40 -0.50
CA VAL A 16 2.51 1.70 0.67
C VAL A 16 3.74 2.41 1.13
N ALA A 17 3.89 2.45 2.46
CA ALA A 17 4.81 3.26 3.20
C ALA A 17 5.67 2.42 4.13
N LYS A 18 6.94 2.26 3.75
CA LYS A 18 7.98 1.47 4.38
C LYS A 18 9.27 2.32 4.36
N TRP A 19 9.88 2.76 5.49
CA TRP A 19 11.10 3.61 5.43
C TRP A 19 12.45 2.86 5.32
N SER A 20 12.58 1.73 6.02
CA SER A 20 13.71 0.80 5.95
C SER A 20 13.01 -0.50 5.72
N SER A 21 13.60 -1.54 5.05
CA SER A 21 12.90 -2.83 4.96
C SER A 21 12.94 -3.56 6.33
N ASN A 22 11.73 -3.55 6.95
CA ASN A 22 11.36 -3.90 8.30
C ASN A 22 10.65 -5.23 8.41
N GLY A 23 10.04 -5.56 7.28
CA GLY A 23 9.20 -6.70 7.04
C GLY A 23 7.77 -6.37 6.88
N TYR A 24 7.26 -5.20 7.31
CA TYR A 24 5.93 -4.70 6.99
C TYR A 24 5.87 -3.22 6.61
N PHE A 25 4.93 -2.88 5.69
CA PHE A 25 4.67 -1.56 5.13
C PHE A 25 3.29 -1.19 5.64
N TYR A 26 3.15 0.13 5.87
CA TYR A 26 2.04 0.94 6.30
C TYR A 26 1.48 1.60 5.03
N SER A 27 0.50 2.51 5.15
CA SER A 27 -0.18 3.22 4.08
C SER A 27 0.25 4.67 3.68
N GLY A 28 0.28 4.95 2.35
CA GLY A 28 0.58 6.21 1.65
C GLY A 28 -0.34 6.45 0.46
N LYS A 29 -0.41 7.66 -0.16
CA LYS A 29 -1.09 7.92 -1.47
C LYS A 29 -0.10 8.66 -2.41
N ILE A 30 0.03 8.41 -3.79
CA ILE A 30 1.06 9.16 -4.55
C ILE A 30 0.50 10.41 -5.21
N THR A 31 1.24 11.56 -5.18
CA THR A 31 0.75 12.83 -5.76
C THR A 31 1.58 13.31 -6.95
N ARG A 32 2.93 13.03 -6.97
CA ARG A 32 3.79 13.42 -8.07
C ARG A 32 4.94 12.42 -8.06
N ASP A 33 5.82 12.44 -9.08
CA ASP A 33 7.06 11.67 -9.12
C ASP A 33 8.24 12.61 -8.81
N VAL A 34 9.35 12.11 -8.21
CA VAL A 34 10.55 12.92 -8.02
C VAL A 34 11.62 12.08 -8.67
N GLY A 35 12.34 12.62 -9.70
CA GLY A 35 13.33 11.92 -10.55
C GLY A 35 12.98 10.54 -11.12
N ALA A 36 14.00 9.65 -11.22
CA ALA A 36 13.87 8.23 -11.52
C ALA A 36 14.13 7.48 -10.22
N GLY A 37 13.17 6.64 -9.75
CA GLY A 37 13.31 5.83 -8.54
C GLY A 37 12.66 6.44 -7.32
N LYS A 38 12.11 7.68 -7.43
CA LYS A 38 11.49 8.39 -6.31
C LYS A 38 10.11 8.92 -6.66
N TYR A 39 9.34 9.28 -5.59
CA TYR A 39 7.99 9.81 -5.62
C TYR A 39 7.76 10.90 -4.57
N LYS A 40 6.81 11.83 -4.82
CA LYS A 40 6.35 12.92 -3.96
C LYS A 40 5.00 12.41 -3.58
N LEU A 41 4.94 12.17 -2.27
CA LEU A 41 3.86 11.38 -1.75
C LEU A 41 3.25 11.99 -0.55
N LEU A 42 1.99 11.67 -0.25
CA LEU A 42 1.45 12.13 1.00
C LEU A 42 0.86 10.94 1.69
N PHE A 43 0.86 10.79 3.04
CA PHE A 43 0.19 9.62 3.68
C PHE A 43 -1.34 9.80 3.72
N ASP A 44 -2.12 8.68 3.85
CA ASP A 44 -3.59 8.57 3.97
C ASP A 44 -4.18 9.21 5.25
N ASP A 45 -3.26 9.74 6.07
CA ASP A 45 -3.41 10.44 7.33
C ASP A 45 -2.77 11.84 7.28
N GLY A 46 -2.16 12.29 6.12
CA GLY A 46 -1.72 13.67 5.85
C GLY A 46 -0.28 14.06 6.08
N TYR A 47 0.68 13.10 6.13
CA TYR A 47 2.11 13.37 6.26
C TYR A 47 2.76 13.40 4.87
N GLU A 48 3.14 14.59 4.32
CA GLU A 48 3.83 14.72 3.03
C GLU A 48 5.34 14.81 3.12
N CYS A 49 6.01 14.34 2.04
CA CYS A 49 7.45 14.34 1.92
C CYS A 49 7.73 14.04 0.48
N ASP A 50 9.02 13.99 0.08
CA ASP A 50 9.45 13.40 -1.17
C ASP A 50 10.39 12.32 -0.70
N VAL A 51 10.32 11.12 -1.30
CA VAL A 51 11.09 9.97 -0.88
C VAL A 51 11.44 9.09 -2.06
N LEU A 52 12.36 8.10 -1.84
CA LEU A 52 12.65 7.00 -2.75
C LEU A 52 11.52 5.99 -2.80
N GLY A 53 11.33 5.34 -3.98
CA GLY A 53 10.06 4.70 -4.28
C GLY A 53 9.90 3.40 -3.59
N LYS A 54 10.97 2.57 -3.60
CA LYS A 54 11.12 1.26 -2.95
C LYS A 54 11.01 1.26 -1.40
N ASP A 55 10.59 2.45 -0.87
CA ASP A 55 10.23 2.92 0.44
C ASP A 55 8.77 3.37 0.33
N ILE A 56 8.45 4.56 -0.23
CA ILE A 56 7.04 5.00 -0.32
C ILE A 56 6.63 5.16 -1.80
N LEU A 57 5.90 4.15 -2.34
CA LEU A 57 5.56 3.97 -3.76
C LEU A 57 4.17 3.65 -4.12
N LEU A 58 3.88 3.91 -5.42
CA LEU A 58 2.81 3.51 -6.32
C LEU A 58 2.61 1.96 -6.39
N CYS A 59 1.59 1.50 -5.72
CA CYS A 59 1.18 0.19 -5.41
C CYS A 59 -0.25 0.05 -5.96
N ASP A 60 -0.81 -1.15 -5.86
CA ASP A 60 -2.24 -1.48 -6.07
C ASP A 60 -3.10 -1.17 -4.81
N PRO A 61 -2.74 -1.44 -3.51
CA PRO A 61 -1.45 -1.92 -2.98
C PRO A 61 -1.05 -3.26 -3.46
N ILE A 62 -1.64 -4.35 -2.97
CA ILE A 62 -1.17 -5.66 -3.27
C ILE A 62 -2.20 -6.45 -4.07
N PRO A 63 -1.78 -7.53 -4.79
CA PRO A 63 -2.51 -8.23 -5.84
C PRO A 63 -3.83 -8.84 -5.36
N LEU A 64 -4.94 -8.51 -6.02
CA LEU A 64 -6.39 -8.76 -5.86
C LEU A 64 -7.00 -10.08 -5.41
N ASP A 65 -6.11 -10.92 -4.88
CA ASP A 65 -6.23 -12.28 -4.43
C ASP A 65 -5.18 -12.57 -3.34
N THR A 66 -4.71 -11.56 -2.59
CA THR A 66 -3.52 -11.64 -1.77
C THR A 66 -3.76 -11.50 -0.34
N GLU A 67 -3.13 -12.39 0.38
CA GLU A 67 -3.01 -12.45 1.82
C GLU A 67 -2.30 -11.21 2.40
N VAL A 68 -3.08 -10.21 2.80
CA VAL A 68 -2.59 -8.96 3.37
C VAL A 68 -2.99 -8.89 4.80
N THR A 69 -2.34 -7.99 5.57
CA THR A 69 -2.48 -7.95 7.04
C THR A 69 -3.52 -6.93 7.42
N ALA A 70 -4.42 -7.30 8.35
CA ALA A 70 -5.48 -6.43 8.80
C ALA A 70 -5.12 -5.83 10.14
N LEU A 71 -5.42 -4.53 10.35
CA LEU A 71 -5.01 -3.77 11.53
C LEU A 71 -5.66 -4.12 12.88
N SER A 72 -4.77 -4.71 13.68
CA SER A 72 -4.75 -5.08 15.06
C SER A 72 -3.36 -4.69 15.45
N GLU A 73 -3.01 -4.67 16.75
CA GLU A 73 -1.69 -4.43 17.35
C GLU A 73 -0.41 -5.02 16.70
N ASP A 74 0.76 -4.50 17.15
CA ASP A 74 2.14 -4.73 16.67
C ASP A 74 2.66 -6.14 16.36
N GLU A 75 2.48 -7.10 17.29
CA GLU A 75 2.86 -8.50 17.15
C GLU A 75 1.63 -9.40 17.02
N TYR A 76 0.43 -8.80 16.81
CA TYR A 76 -0.87 -9.47 16.80
C TYR A 76 -1.52 -9.40 15.43
N PHE A 77 -1.33 -8.26 14.68
CA PHE A 77 -1.89 -8.10 13.30
C PHE A 77 -1.58 -9.22 12.28
N SER A 78 -2.68 -9.67 11.62
CA SER A 78 -2.71 -10.95 10.93
C SER A 78 -3.46 -10.85 9.61
N ALA A 79 -3.23 -11.82 8.69
CA ALA A 79 -3.75 -11.82 7.31
C ALA A 79 -5.18 -12.30 7.01
N GLY A 80 -5.69 -11.74 5.89
CA GLY A 80 -6.97 -11.95 5.24
C GLY A 80 -6.66 -11.63 3.82
N VAL A 81 -7.65 -11.47 2.94
CA VAL A 81 -7.35 -11.30 1.53
C VAL A 81 -7.72 -9.95 1.06
N VAL A 82 -6.84 -9.27 0.26
CA VAL A 82 -7.27 -8.16 -0.60
C VAL A 82 -7.96 -8.77 -1.82
N LYS A 83 -9.17 -8.26 -2.16
CA LYS A 83 -9.95 -8.80 -3.27
C LYS A 83 -10.28 -7.76 -4.32
N GLY A 84 -10.56 -6.51 -3.90
CA GLY A 84 -11.03 -5.44 -4.78
C GLY A 84 -10.86 -4.09 -4.13
N HIS A 85 -10.56 -3.01 -4.91
CA HIS A 85 -10.40 -1.67 -4.34
C HIS A 85 -10.81 -0.50 -5.20
N ARG A 86 -11.21 0.58 -4.47
CA ARG A 86 -11.83 1.76 -5.02
C ARG A 86 -11.33 2.97 -4.30
N LYS A 87 -11.64 4.16 -4.84
CA LYS A 87 -11.57 5.38 -4.07
C LYS A 87 -12.79 6.20 -4.38
N GLU A 88 -13.27 6.98 -3.37
CA GLU A 88 -14.40 7.90 -3.52
C GLU A 88 -13.91 9.23 -3.01
N SER A 89 -14.55 10.37 -3.34
CA SER A 89 -14.19 11.76 -3.00
C SER A 89 -13.99 12.14 -1.53
N GLY A 90 -12.89 11.62 -0.92
CA GLY A 90 -12.50 11.75 0.47
C GLY A 90 -12.58 10.44 1.22
N GLU A 91 -12.75 9.29 0.51
CA GLU A 91 -12.89 7.97 1.07
C GLU A 91 -11.96 7.04 0.31
N LEU A 92 -11.46 5.99 0.98
CA LEU A 92 -10.65 4.98 0.33
C LEU A 92 -11.23 3.70 0.82
N TYR A 93 -11.60 2.68 0.01
CA TYR A 93 -11.86 1.42 0.71
C TYR A 93 -11.48 0.22 -0.09
N TYR A 94 -10.86 -0.77 0.60
CA TYR A 94 -10.60 -2.08 0.04
C TYR A 94 -11.67 -3.00 0.62
N SER A 95 -12.10 -4.02 -0.17
CA SER A 95 -12.98 -5.10 0.25
C SER A 95 -12.06 -6.24 0.61
N ILE A 96 -11.84 -6.35 1.95
CA ILE A 96 -10.91 -7.22 2.63
C ILE A 96 -11.65 -8.43 3.08
N GLU A 97 -11.29 -9.62 2.54
CA GLU A 97 -12.04 -10.84 2.81
C GLU A 97 -11.41 -11.53 4.03
N LYS A 98 -12.12 -11.46 5.17
CA LYS A 98 -11.54 -11.68 6.48
C LYS A 98 -12.47 -12.37 7.42
N GLU A 99 -12.00 -13.41 8.18
CA GLU A 99 -12.76 -14.16 9.20
C GLU A 99 -13.99 -14.93 8.69
N GLY A 100 -14.16 -14.91 7.35
CA GLY A 100 -15.20 -15.57 6.56
C GLY A 100 -16.08 -14.58 5.86
N GLN A 101 -15.88 -13.26 6.10
CA GLN A 101 -16.71 -12.19 5.55
C GLN A 101 -15.91 -11.04 5.01
N ARG A 102 -16.53 -10.10 4.24
CA ARG A 102 -15.81 -8.98 3.65
C ARG A 102 -15.99 -7.69 4.39
N LYS A 103 -14.84 -7.07 4.72
CA LYS A 103 -14.73 -5.82 5.47
C LYS A 103 -14.46 -4.73 4.48
N TRP A 104 -15.02 -3.50 4.65
CA TRP A 104 -14.72 -2.39 3.77
C TRP A 104 -13.85 -1.45 4.61
N TYR A 105 -12.55 -1.46 4.26
CA TYR A 105 -11.49 -0.80 5.00
C TYR A 105 -10.63 0.08 4.14
N LYS A 106 -10.51 1.40 4.48
CA LYS A 106 -9.50 2.34 3.99
C LYS A 106 -8.09 1.88 4.29
N ARG A 107 -7.14 2.38 3.47
CA ARG A 107 -5.72 2.01 3.41
C ARG A 107 -4.98 1.58 4.67
N MET A 108 -5.06 2.44 5.71
CA MET A 108 -4.53 2.32 7.04
C MET A 108 -5.09 1.16 7.90
N ALA A 109 -6.23 0.48 7.49
CA ALA A 109 -6.78 -0.72 8.12
C ALA A 109 -6.31 -2.06 7.59
N VAL A 110 -5.84 -2.05 6.34
CA VAL A 110 -5.30 -3.12 5.52
C VAL A 110 -3.94 -2.87 4.90
N ILE A 111 -2.88 -3.39 5.53
CA ILE A 111 -1.48 -3.20 5.16
C ILE A 111 -0.77 -4.47 4.64
N LEU A 112 0.59 -4.46 4.45
CA LEU A 112 1.33 -5.63 3.89
C LEU A 112 2.74 -5.90 4.38
N SER A 113 3.25 -7.16 4.25
CA SER A 113 4.61 -7.61 4.64
C SER A 113 5.52 -7.73 3.41
N LEU A 114 6.89 -8.04 3.50
CA LEU A 114 7.72 -8.15 2.27
C LEU A 114 7.33 -9.24 1.29
N GLU A 115 6.78 -10.43 1.66
CA GLU A 115 6.40 -11.42 0.62
C GLU A 115 5.10 -11.19 -0.13
N GLN A 116 4.29 -10.22 0.36
CA GLN A 116 3.17 -9.62 -0.37
C GLN A 116 3.72 -8.47 -1.24
N GLY A 117 4.66 -7.67 -0.66
CA GLY A 117 5.36 -6.56 -1.28
C GLY A 117 6.33 -6.94 -2.40
N ASN A 118 7.24 -7.91 -2.18
CA ASN A 118 8.21 -8.39 -3.18
C ASN A 118 7.63 -9.31 -4.24
N ARG A 119 6.43 -9.94 -3.99
CA ARG A 119 5.75 -10.77 -4.97
C ARG A 119 5.21 -9.94 -6.15
N LEU A 120 4.86 -8.65 -5.83
CA LEU A 120 4.39 -7.55 -6.65
C LEU A 120 5.52 -6.74 -7.19
N ARG A 121 6.61 -6.52 -6.39
CA ARG A 121 7.65 -5.51 -6.66
C ARG A 121 8.27 -5.33 -8.04
N GLU A 122 8.48 -6.48 -8.70
CA GLU A 122 9.04 -6.70 -10.01
C GLU A 122 7.99 -6.71 -11.12
N GLN A 123 6.68 -6.85 -10.75
CA GLN A 123 5.54 -6.89 -11.66
C GLN A 123 4.72 -5.60 -11.65
N TYR A 124 4.30 -5.02 -10.48
CA TYR A 124 3.33 -3.91 -10.58
C TYR A 124 3.63 -2.60 -9.84
N GLY A 125 4.74 -2.37 -9.09
CA GLY A 125 4.58 -1.24 -8.19
C GLY A 125 5.77 -1.20 -7.34
N LEU A 126 5.88 -2.19 -6.40
CA LEU A 126 6.83 -2.37 -5.29
C LEU A 126 8.34 -2.27 -5.46
N GLY A 127 8.83 -1.76 -6.59
CA GLY A 127 10.24 -1.31 -6.55
C GLY A 127 10.85 -0.75 -7.80
N PRO A 128 10.87 0.57 -8.16
CA PRO A 128 11.60 1.05 -9.34
C PRO A 128 13.11 1.26 -9.09
N TYR A 129 13.58 1.09 -7.83
CA TYR A 129 14.95 1.18 -7.38
C TYR A 129 15.30 -0.21 -6.86
N GLU A 130 16.40 -0.84 -7.34
CA GLU A 130 16.78 -2.18 -6.95
C GLU A 130 18.28 -2.29 -7.16
N ASN A 8 0.71 11.81 -17.79
CA ASN A 8 1.89 12.38 -18.40
C ASN A 8 3.11 11.99 -17.59
N SER A 9 2.86 11.45 -16.39
CA SER A 9 3.81 11.04 -15.35
C SER A 9 2.87 10.41 -14.34
N PHE A 10 3.30 9.97 -13.13
CA PHE A 10 2.44 9.34 -12.11
C PHE A 10 1.87 10.32 -11.14
N VAL A 11 1.10 11.22 -11.77
CA VAL A 11 0.19 12.22 -11.22
C VAL A 11 -1.22 11.69 -10.89
N GLY A 12 -1.51 10.36 -11.00
CA GLY A 12 -2.79 9.77 -10.63
C GLY A 12 -2.61 8.29 -10.36
N LEU A 13 -1.47 7.90 -9.72
CA LEU A 13 -1.16 6.52 -9.31
C LEU A 13 -1.57 6.35 -7.82
N ARG A 14 -1.60 5.08 -7.35
CA ARG A 14 -2.00 4.58 -6.04
C ARG A 14 -0.71 4.09 -5.43
N VAL A 15 -0.30 4.59 -4.24
CA VAL A 15 0.99 4.22 -3.65
C VAL A 15 0.83 3.32 -2.45
N VAL A 16 1.97 2.76 -2.04
CA VAL A 16 2.17 1.86 -0.94
C VAL A 16 3.20 2.57 -0.12
N ALA A 17 2.90 2.85 1.16
CA ALA A 17 3.62 3.79 1.98
C ALA A 17 4.40 3.10 3.09
N LYS A 18 5.76 3.02 3.01
CA LYS A 18 6.66 2.30 3.92
C LYS A 18 7.86 3.21 4.19
N TRP A 19 7.88 4.09 5.22
CA TRP A 19 8.98 5.07 5.36
C TRP A 19 10.32 4.59 5.93
N SER A 20 10.29 3.68 6.96
CA SER A 20 11.50 3.09 7.53
C SER A 20 11.54 1.68 7.00
N SER A 21 12.72 1.11 6.59
CA SER A 21 12.70 -0.25 6.05
C SER A 21 12.70 -1.30 7.17
N ASN A 22 11.52 -1.92 7.33
CA ASN A 22 11.18 -2.91 8.34
C ASN A 22 10.57 -4.13 7.71
N GLY A 23 9.86 -3.91 6.58
CA GLY A 23 8.92 -4.87 6.05
C GLY A 23 7.50 -4.57 6.44
N TYR A 24 7.10 -3.27 6.44
CA TYR A 24 5.78 -2.77 6.81
C TYR A 24 5.28 -1.76 5.78
N PHE A 25 4.12 -2.10 5.17
CA PHE A 25 3.49 -1.45 4.05
C PHE A 25 2.10 -0.93 4.22
N TYR A 26 1.97 0.41 4.39
CA TYR A 26 0.76 1.16 4.59
C TYR A 26 0.25 1.64 3.24
N SER A 27 -0.83 2.42 3.29
CA SER A 27 -1.58 2.90 2.15
C SER A 27 -1.31 4.38 1.91
N GLY A 28 -1.09 4.70 0.63
CA GLY A 28 -0.70 6.01 0.15
C GLY A 28 -1.42 6.40 -1.11
N LYS A 29 -1.32 7.71 -1.43
CA LYS A 29 -1.88 8.32 -2.65
C LYS A 29 -0.84 9.21 -3.35
N ILE A 30 -0.73 9.29 -4.72
CA ILE A 30 0.32 10.11 -5.35
C ILE A 30 -0.17 11.46 -5.89
N THR A 31 0.77 12.45 -5.97
CA THR A 31 0.53 13.78 -6.52
C THR A 31 1.28 13.96 -7.84
N ARG A 32 2.57 13.52 -7.93
CA ARG A 32 3.40 13.72 -9.12
C ARG A 32 4.44 12.62 -9.06
N ASP A 33 5.27 12.42 -10.11
CA ASP A 33 6.41 11.49 -10.12
C ASP A 33 7.71 12.30 -9.92
N VAL A 34 8.64 11.85 -9.04
CA VAL A 34 9.94 12.49 -8.80
C VAL A 34 11.02 11.58 -9.40
N GLY A 35 11.88 12.14 -10.29
CA GLY A 35 13.04 11.57 -11.02
C GLY A 35 13.09 10.10 -11.46
N ALA A 36 14.16 9.39 -11.02
CA ALA A 36 14.38 7.98 -11.29
C ALA A 36 14.09 7.16 -10.06
N GLY A 37 12.98 6.38 -10.17
CA GLY A 37 12.47 5.45 -9.18
C GLY A 37 11.86 6.06 -7.96
N LYS A 38 11.50 7.37 -7.96
CA LYS A 38 10.90 8.06 -6.84
C LYS A 38 9.49 8.47 -7.23
N TYR A 39 8.68 8.87 -6.21
CA TYR A 39 7.26 9.18 -6.30
C TYR A 39 7.03 10.36 -5.33
N LYS A 40 6.14 11.36 -5.66
CA LYS A 40 5.83 12.56 -4.84
C LYS A 40 4.44 12.27 -4.40
N LEU A 41 4.37 11.98 -3.09
CA LEU A 41 3.23 11.31 -2.55
C LEU A 41 2.70 11.88 -1.28
N LEU A 42 1.49 11.48 -0.89
CA LEU A 42 1.00 11.72 0.45
C LEU A 42 0.50 10.40 0.99
N PHE A 43 0.68 9.98 2.27
CA PHE A 43 0.06 8.72 2.80
C PHE A 43 -1.45 8.96 2.94
N ASP A 44 -2.37 7.97 3.01
CA ASP A 44 -3.81 8.32 3.09
C ASP A 44 -4.25 8.99 4.43
N ASP A 45 -3.30 9.01 5.40
CA ASP A 45 -3.34 9.61 6.72
C ASP A 45 -2.68 11.00 6.79
N GLY A 46 -2.05 11.55 5.68
CA GLY A 46 -1.58 12.94 5.64
C GLY A 46 -0.11 13.22 5.74
N TYR A 47 0.79 12.21 5.68
CA TYR A 47 2.24 12.41 5.67
C TYR A 47 2.70 12.52 4.22
N GLU A 48 3.05 13.74 3.73
CA GLU A 48 3.56 13.97 2.38
C GLU A 48 5.03 14.30 2.38
N CYS A 49 5.70 13.91 1.26
CA CYS A 49 7.11 14.15 1.09
C CYS A 49 7.32 13.80 -0.36
N ASP A 50 8.56 13.94 -0.88
CA ASP A 50 8.96 13.24 -2.10
C ASP A 50 9.99 12.28 -1.51
N VAL A 51 9.98 11.02 -1.97
CA VAL A 51 10.79 9.98 -1.36
C VAL A 51 11.21 9.04 -2.45
N LEU A 52 12.20 8.13 -2.20
CA LEU A 52 12.51 7.05 -3.13
C LEU A 52 11.56 5.90 -3.02
N GLY A 53 11.40 5.21 -4.19
CA GLY A 53 10.20 4.46 -4.51
C GLY A 53 10.02 3.20 -3.73
N LYS A 54 11.09 2.40 -3.51
CA LYS A 54 11.14 1.15 -2.73
C LYS A 54 10.77 1.27 -1.20
N ASP A 55 10.38 2.52 -0.79
CA ASP A 55 9.84 3.05 0.44
C ASP A 55 8.42 3.55 0.15
N ILE A 56 8.16 4.50 -0.79
CA ILE A 56 6.78 4.89 -1.17
C ILE A 56 6.53 4.89 -2.71
N LEU A 57 5.84 3.84 -3.27
CA LEU A 57 5.67 3.50 -4.70
C LEU A 57 4.37 3.09 -5.34
N LEU A 58 4.26 3.15 -6.72
CA LEU A 58 3.22 2.67 -7.62
C LEU A 58 2.79 1.23 -7.47
N CYS A 59 1.66 1.12 -6.79
CA CYS A 59 1.03 -0.04 -6.34
C CYS A 59 -0.41 -0.15 -6.77
N ASP A 60 -0.94 -1.31 -6.39
CA ASP A 60 -2.35 -1.71 -6.36
C ASP A 60 -2.94 -1.48 -4.95
N PRO A 61 -2.36 -1.79 -3.76
CA PRO A 61 -1.01 -2.29 -3.49
C PRO A 61 -0.71 -3.66 -3.99
N ILE A 62 -1.17 -4.72 -3.34
CA ILE A 62 -0.73 -6.05 -3.65
C ILE A 62 -1.82 -6.89 -4.24
N PRO A 63 -1.59 -8.02 -4.98
CA PRO A 63 -2.51 -8.64 -5.90
C PRO A 63 -3.91 -8.98 -5.36
N LEU A 64 -4.97 -8.31 -5.90
CA LEU A 64 -6.40 -8.26 -5.61
C LEU A 64 -7.24 -9.46 -5.21
N ASP A 65 -6.59 -10.58 -4.81
CA ASP A 65 -7.17 -11.77 -4.22
C ASP A 65 -6.01 -12.47 -3.51
N THR A 66 -5.33 -11.65 -2.68
CA THR A 66 -4.11 -11.96 -1.95
C THR A 66 -4.34 -11.94 -0.53
N GLU A 67 -3.88 -12.99 0.11
CA GLU A 67 -3.68 -13.12 1.54
C GLU A 67 -2.65 -12.09 2.07
N VAL A 68 -3.16 -10.94 2.55
CA VAL A 68 -2.63 -9.70 3.14
C VAL A 68 -3.08 -9.67 4.54
N THR A 69 -2.57 -8.68 5.32
CA THR A 69 -2.87 -8.64 6.75
C THR A 69 -3.82 -7.54 7.09
N ALA A 70 -4.65 -7.77 8.12
CA ALA A 70 -5.59 -6.81 8.65
C ALA A 70 -5.08 -6.47 10.03
N LEU A 71 -4.86 -5.15 10.26
CA LEU A 71 -4.18 -4.65 11.44
C LEU A 71 -5.02 -4.45 12.68
N SER A 72 -4.62 -5.26 13.66
CA SER A 72 -4.99 -5.51 15.03
C SER A 72 -3.65 -5.61 15.71
N GLU A 73 -3.61 -5.62 17.06
CA GLU A 73 -2.48 -5.80 17.99
C GLU A 73 -1.34 -6.82 17.68
N ASP A 74 -0.24 -6.73 18.46
CA ASP A 74 1.06 -7.41 18.27
C ASP A 74 1.12 -8.92 18.01
N GLU A 75 0.45 -9.75 18.84
CA GLU A 75 0.33 -11.20 18.71
C GLU A 75 -1.09 -11.62 18.35
N TYR A 76 -1.95 -10.65 17.97
CA TYR A 76 -3.38 -10.84 17.71
C TYR A 76 -3.71 -10.69 16.24
N PHE A 77 -2.99 -9.77 15.53
CA PHE A 77 -3.14 -9.57 14.06
C PHE A 77 -2.99 -10.81 13.13
N SER A 78 -3.81 -10.81 12.05
CA SER A 78 -4.02 -11.97 11.19
C SER A 78 -4.10 -11.60 9.72
N ALA A 79 -3.92 -12.61 8.82
CA ALA A 79 -4.09 -12.46 7.37
C ALA A 79 -5.45 -12.89 6.87
N GLY A 80 -5.91 -12.16 5.83
CA GLY A 80 -7.18 -12.30 5.16
C GLY A 80 -6.88 -11.87 3.78
N VAL A 81 -7.88 -11.63 2.95
CA VAL A 81 -7.64 -11.41 1.54
C VAL A 81 -7.94 -10.02 1.15
N VAL A 82 -7.06 -9.37 0.34
CA VAL A 82 -7.43 -8.15 -0.39
C VAL A 82 -8.27 -8.59 -1.57
N LYS A 83 -9.42 -7.92 -1.80
CA LYS A 83 -10.32 -8.28 -2.88
C LYS A 83 -10.61 -7.10 -3.83
N GLY A 84 -10.67 -5.85 -3.29
CA GLY A 84 -11.04 -4.66 -4.05
C GLY A 84 -10.83 -3.40 -3.24
N HIS A 85 -10.58 -2.24 -3.92
CA HIS A 85 -10.38 -0.98 -3.21
C HIS A 85 -10.79 0.29 -3.91
N ARG A 86 -11.13 1.32 -3.06
CA ARG A 86 -11.69 2.57 -3.50
C ARG A 86 -11.08 3.64 -2.63
N LYS A 87 -11.03 4.90 -3.10
CA LYS A 87 -10.75 5.99 -2.20
C LYS A 87 -11.69 7.12 -2.55
N GLU A 88 -12.19 7.85 -1.54
CA GLU A 88 -13.07 9.00 -1.71
C GLU A 88 -12.44 10.13 -0.90
N SER A 89 -12.76 11.43 -1.13
CA SER A 89 -12.20 12.61 -0.42
C SER A 89 -12.51 12.68 1.09
N GLY A 90 -11.73 11.90 1.89
CA GLY A 90 -11.85 11.74 3.33
C GLY A 90 -12.26 10.36 3.77
N GLU A 91 -12.41 9.37 2.82
CA GLU A 91 -12.83 8.03 3.09
C GLU A 91 -11.84 7.16 2.36
N LEU A 92 -11.37 6.08 2.98
CA LEU A 92 -10.48 5.17 2.31
C LEU A 92 -11.05 3.86 2.62
N TYR A 93 -11.41 2.96 1.66
CA TYR A 93 -11.76 1.65 2.18
C TYR A 93 -11.36 0.56 1.24
N TYR A 94 -10.71 -0.49 1.81
CA TYR A 94 -10.34 -1.73 1.13
C TYR A 94 -11.34 -2.75 1.67
N SER A 95 -11.90 -3.64 0.80
CA SER A 95 -12.80 -4.74 1.16
C SER A 95 -11.92 -5.96 1.35
N ILE A 96 -11.62 -6.22 2.64
CA ILE A 96 -10.67 -7.21 3.11
C ILE A 96 -11.47 -8.38 3.59
N GLU A 97 -11.26 -9.56 2.95
CA GLU A 97 -12.07 -10.75 3.23
C GLU A 97 -11.47 -11.53 4.36
N LYS A 98 -12.10 -11.40 5.55
CA LYS A 98 -11.47 -11.88 6.76
C LYS A 98 -12.49 -12.47 7.69
N GLU A 99 -12.22 -13.71 8.17
CA GLU A 99 -13.07 -14.56 9.01
C GLU A 99 -14.18 -15.19 8.18
N GLY A 100 -14.10 -14.91 6.86
CA GLY A 100 -14.96 -15.37 5.78
C GLY A 100 -15.83 -14.26 5.24
N GLN A 101 -15.92 -13.13 5.98
CA GLN A 101 -16.73 -11.97 5.64
C GLN A 101 -15.89 -10.76 5.34
N ARG A 102 -16.48 -9.73 4.70
CA ARG A 102 -15.76 -8.57 4.23
C ARG A 102 -15.71 -7.47 5.25
N LYS A 103 -14.48 -7.04 5.59
CA LYS A 103 -14.21 -5.93 6.49
C LYS A 103 -13.85 -4.77 5.61
N TRP A 104 -14.62 -3.65 5.66
CA TRP A 104 -14.29 -2.46 4.92
C TRP A 104 -13.42 -1.64 5.90
N TYR A 105 -12.13 -1.70 5.57
CA TYR A 105 -11.04 -1.20 6.38
C TYR A 105 -10.31 -0.21 5.56
N LYS A 106 -10.13 1.03 6.08
CA LYS A 106 -9.28 2.05 5.55
C LYS A 106 -7.81 1.68 5.56
N ARG A 107 -7.02 2.56 4.94
CA ARG A 107 -5.59 2.54 4.69
C ARG A 107 -4.65 1.83 5.67
N MET A 108 -4.64 2.39 6.88
CA MET A 108 -3.89 2.02 8.03
C MET A 108 -4.41 0.74 8.74
N ALA A 109 -5.60 0.15 8.32
CA ALA A 109 -6.08 -1.13 8.81
C ALA A 109 -5.75 -2.30 7.93
N VAL A 110 -5.35 -2.03 6.68
CA VAL A 110 -4.94 -2.95 5.64
C VAL A 110 -3.60 -2.68 5.04
N ILE A 111 -2.71 -3.61 5.35
CA ILE A 111 -1.32 -3.63 4.94
C ILE A 111 -0.83 -4.96 4.38
N LEU A 112 0.47 -4.97 3.98
CA LEU A 112 1.23 -6.14 3.53
C LEU A 112 2.64 -6.12 4.18
N SER A 113 3.48 -7.20 4.06
CA SER A 113 4.91 -7.21 4.48
C SER A 113 5.89 -7.30 3.26
N LEU A 114 7.26 -7.23 3.41
CA LEU A 114 8.23 -7.18 2.26
C LEU A 114 8.57 -8.44 1.61
N GLU A 115 8.09 -9.55 2.14
CA GLU A 115 8.07 -10.82 1.37
C GLU A 115 6.92 -10.88 0.35
N GLN A 116 5.84 -10.11 0.63
CA GLN A 116 4.78 -9.80 -0.33
C GLN A 116 5.28 -8.61 -1.18
N GLY A 117 6.04 -7.63 -0.59
CA GLY A 117 6.75 -6.55 -1.28
C GLY A 117 7.72 -7.07 -2.30
N ASN A 118 8.61 -8.02 -1.94
CA ASN A 118 9.52 -8.75 -2.83
C ASN A 118 8.84 -9.79 -3.71
N ARG A 119 7.51 -10.10 -3.47
CA ARG A 119 6.73 -11.01 -4.30
C ARG A 119 6.39 -10.29 -5.63
N LEU A 120 5.85 -9.05 -5.43
CA LEU A 120 5.25 -8.09 -6.34
C LEU A 120 6.27 -7.22 -6.96
N ARG A 121 7.36 -6.90 -6.24
CA ARG A 121 8.38 -5.93 -6.60
C ARG A 121 8.93 -5.88 -8.03
N GLU A 122 9.06 -7.08 -8.65
CA GLU A 122 9.53 -7.32 -10.00
C GLU A 122 8.42 -7.30 -11.05
N GLN A 123 7.14 -7.53 -10.62
CA GLN A 123 5.96 -7.66 -11.45
C GLN A 123 5.05 -6.43 -11.42
N TYR A 124 4.73 -5.80 -10.24
CA TYR A 124 3.76 -4.66 -10.30
C TYR A 124 4.14 -3.37 -9.62
N GLY A 125 5.36 -3.09 -9.06
CA GLY A 125 5.44 -1.85 -8.36
C GLY A 125 6.66 -1.90 -7.57
N LEU A 126 6.71 -2.77 -6.51
CA LEU A 126 7.60 -2.81 -5.33
C LEU A 126 9.10 -2.68 -5.44
N GLY A 127 9.62 -2.27 -6.62
CA GLY A 127 10.98 -1.71 -6.64
C GLY A 127 11.61 -1.30 -7.95
N PRO A 128 11.58 -0.04 -8.47
CA PRO A 128 12.39 0.37 -9.63
C PRO A 128 13.84 0.76 -9.23
N TYR A 129 14.16 0.87 -7.91
CA TYR A 129 15.42 1.26 -7.33
C TYR A 129 15.97 0.11 -6.49
N GLU A 130 17.32 -0.03 -6.41
CA GLU A 130 18.03 -1.06 -5.66
C GLU A 130 18.48 -0.60 -4.28
N ASN A 8 0.40 11.93 -15.58
CA ASN A 8 -0.99 12.06 -15.25
C ASN A 8 -1.50 10.73 -14.74
N SER A 9 -0.74 9.66 -15.05
CA SER A 9 -0.97 8.25 -14.72
C SER A 9 -0.51 7.87 -13.31
N PHE A 10 0.41 8.67 -12.73
CA PHE A 10 0.95 8.50 -11.37
C PHE A 10 0.30 9.41 -10.34
N VAL A 11 -0.23 10.56 -10.80
CA VAL A 11 -0.86 11.68 -10.08
C VAL A 11 -2.00 11.39 -9.09
N GLY A 12 -2.60 10.19 -9.18
CA GLY A 12 -3.57 9.66 -8.21
C GLY A 12 -3.36 8.18 -7.97
N LEU A 13 -2.08 7.71 -7.95
CA LEU A 13 -1.61 6.33 -7.71
C LEU A 13 -1.61 6.01 -6.23
N ARG A 14 -1.46 4.71 -5.93
CA ARG A 14 -1.60 4.17 -4.57
C ARG A 14 -0.22 3.85 -4.07
N VAL A 15 0.18 4.22 -2.82
CA VAL A 15 1.55 3.98 -2.36
C VAL A 15 1.65 3.22 -1.05
N VAL A 16 2.77 2.48 -0.84
CA VAL A 16 3.10 1.69 0.35
C VAL A 16 4.33 2.29 0.93
N ALA A 17 4.39 2.32 2.29
CA ALA A 17 5.30 3.12 3.07
C ALA A 17 6.26 2.29 3.92
N LYS A 18 7.52 2.29 3.47
CA LYS A 18 8.63 1.58 4.06
C LYS A 18 9.84 2.52 4.03
N TRP A 19 10.17 3.33 5.08
CA TRP A 19 11.41 4.14 5.14
C TRP A 19 12.67 3.26 5.32
N SER A 20 12.68 2.46 6.40
CA SER A 20 13.67 1.44 6.67
C SER A 20 12.84 0.17 6.62
N SER A 21 13.33 -0.90 5.92
CA SER A 21 12.66 -2.18 5.68
C SER A 21 12.46 -2.99 6.96
N ASN A 22 11.22 -3.15 7.47
CA ASN A 22 10.98 -3.77 8.76
C ASN A 22 10.62 -5.23 8.75
N GLY A 23 10.15 -5.66 7.57
CA GLY A 23 9.38 -6.87 7.38
C GLY A 23 7.97 -6.53 7.06
N TYR A 24 7.49 -5.29 7.35
CA TYR A 24 6.23 -4.74 6.86
C TYR A 24 6.28 -3.29 6.40
N PHE A 25 5.30 -2.88 5.53
CA PHE A 25 5.06 -1.54 5.01
C PHE A 25 3.68 -1.07 5.47
N TYR A 26 3.57 0.27 5.65
CA TYR A 26 2.47 1.17 6.04
C TYR A 26 1.81 1.71 4.77
N SER A 27 0.82 2.64 4.79
CA SER A 27 0.21 3.13 3.55
C SER A 27 0.17 4.66 3.30
N GLY A 28 0.25 4.97 1.98
CA GLY A 28 0.42 6.22 1.25
C GLY A 28 -0.42 6.44 0.00
N LYS A 29 -0.43 7.71 -0.48
CA LYS A 29 -1.01 8.19 -1.75
C LYS A 29 -0.06 9.17 -2.47
N ILE A 30 0.15 9.10 -3.82
CA ILE A 30 1.05 10.06 -4.50
C ILE A 30 0.27 11.07 -5.33
N THR A 31 0.84 12.31 -5.43
CA THR A 31 0.28 13.49 -6.06
C THR A 31 1.05 13.89 -7.32
N ARG A 32 2.41 13.78 -7.31
CA ARG A 32 3.21 14.20 -8.46
C ARG A 32 4.33 13.20 -8.54
N ASP A 33 4.94 13.01 -9.74
CA ASP A 33 6.06 12.10 -9.93
C ASP A 33 7.37 12.89 -9.86
N VAL A 34 8.34 12.44 -9.00
CA VAL A 34 9.65 13.06 -8.84
C VAL A 34 10.64 12.13 -9.52
N GLY A 35 11.61 12.69 -10.32
CA GLY A 35 12.71 12.05 -11.06
C GLY A 35 12.61 10.65 -11.67
N ALA A 36 13.65 9.81 -11.45
CA ALA A 36 13.70 8.40 -11.84
C ALA A 36 13.52 7.55 -10.62
N GLY A 37 12.36 6.87 -10.56
CA GLY A 37 11.96 5.97 -9.49
C GLY A 37 11.43 6.62 -8.26
N LYS A 38 11.17 7.96 -8.24
CA LYS A 38 10.68 8.66 -7.06
C LYS A 38 9.20 9.05 -7.19
N TYR A 39 8.59 9.40 -6.03
CA TYR A 39 7.19 9.74 -5.81
C TYR A 39 7.10 10.97 -4.84
N LYS A 40 6.24 12.02 -5.10
CA LYS A 40 6.01 13.23 -4.27
C LYS A 40 4.66 12.95 -3.74
N LEU A 41 4.70 12.53 -2.48
CA LEU A 41 3.61 11.80 -1.92
C LEU A 41 3.19 12.20 -0.58
N LEU A 42 2.02 11.76 -0.11
CA LEU A 42 1.64 11.94 1.26
C LEU A 42 1.19 10.62 1.79
N PHE A 43 1.29 10.30 3.10
CA PHE A 43 0.76 9.01 3.60
C PHE A 43 -0.79 9.00 3.63
N ASP A 44 -1.49 7.84 3.86
CA ASP A 44 -2.98 7.77 3.92
C ASP A 44 -3.56 8.47 5.16
N ASP A 45 -2.65 8.93 6.03
CA ASP A 45 -2.86 9.59 7.29
C ASP A 45 -2.14 10.96 7.43
N GLY A 46 -1.63 11.62 6.34
CA GLY A 46 -1.23 13.05 6.36
C GLY A 46 0.23 13.43 6.43
N TYR A 47 1.19 12.48 6.37
CA TYR A 47 2.62 12.78 6.39
C TYR A 47 3.16 12.91 4.96
N GLU A 48 3.45 14.13 4.46
CA GLU A 48 4.02 14.37 3.13
C GLU A 48 5.52 14.55 3.08
N CYS A 49 6.10 14.14 1.92
CA CYS A 49 7.53 14.11 1.72
C CYS A 49 7.72 13.94 0.22
N ASP A 50 8.98 13.91 -0.27
CA ASP A 50 9.32 13.44 -1.60
C ASP A 50 10.35 12.39 -1.25
N VAL A 51 10.30 11.21 -1.90
CA VAL A 51 11.22 10.12 -1.58
C VAL A 51 11.54 9.27 -2.77
N LEU A 52 12.65 8.47 -2.72
CA LEU A 52 13.00 7.47 -3.73
C LEU A 52 12.24 6.20 -3.47
N GLY A 53 11.66 5.66 -4.58
CA GLY A 53 10.43 4.90 -4.61
C GLY A 53 10.48 3.58 -3.93
N LYS A 54 11.62 2.83 -3.92
CA LYS A 54 11.78 1.53 -3.23
C LYS A 54 11.60 1.55 -1.65
N ASP A 55 11.13 2.71 -1.13
CA ASP A 55 10.73 3.13 0.18
C ASP A 55 9.23 3.47 0.16
N ILE A 56 8.79 4.62 -0.45
CA ILE A 56 7.36 5.00 -0.47
C ILE A 56 6.93 5.06 -1.95
N LEU A 57 6.22 3.98 -2.39
CA LEU A 57 5.98 3.64 -3.81
C LEU A 57 4.66 3.20 -4.34
N LEU A 58 4.45 3.34 -5.70
CA LEU A 58 3.38 2.89 -6.57
C LEU A 58 3.01 1.44 -6.51
N CYS A 59 1.90 1.20 -5.84
CA CYS A 59 1.29 -0.02 -5.54
C CYS A 59 -0.16 0.09 -6.05
N ASP A 60 -0.87 -1.04 -5.93
CA ASP A 60 -2.33 -1.29 -6.03
C ASP A 60 -2.98 -0.90 -4.67
N PRO A 61 -2.45 -1.22 -3.45
CA PRO A 61 -1.23 -1.95 -3.12
C PRO A 61 -1.08 -3.32 -3.68
N ILE A 62 -1.77 -4.33 -3.14
CA ILE A 62 -1.33 -5.69 -3.40
C ILE A 62 -2.36 -6.51 -4.16
N PRO A 63 -1.94 -7.59 -4.89
CA PRO A 63 -2.68 -8.42 -5.83
C PRO A 63 -3.95 -9.04 -5.27
N LEU A 64 -5.13 -8.72 -5.86
CA LEU A 64 -6.56 -9.02 -5.71
C LEU A 64 -7.10 -10.40 -5.36
N ASP A 65 -6.13 -11.18 -4.95
CA ASP A 65 -6.02 -12.57 -4.59
C ASP A 65 -5.16 -12.78 -3.35
N THR A 66 -4.85 -11.72 -2.56
CA THR A 66 -3.73 -11.73 -1.64
C THR A 66 -4.09 -11.63 -0.25
N GLU A 67 -3.75 -12.69 0.47
CA GLU A 67 -3.67 -12.77 1.93
C GLU A 67 -2.53 -11.83 2.43
N VAL A 68 -2.94 -10.58 2.78
CA VAL A 68 -2.29 -9.37 3.26
C VAL A 68 -2.58 -9.34 4.70
N THR A 69 -1.97 -8.38 5.42
CA THR A 69 -2.36 -8.21 6.82
C THR A 69 -3.44 -7.14 6.95
N ALA A 70 -4.32 -7.35 7.94
CA ALA A 70 -5.34 -6.42 8.36
C ALA A 70 -4.85 -5.87 9.68
N LEU A 71 -5.01 -4.56 9.93
CA LEU A 71 -4.51 -3.95 11.16
C LEU A 71 -5.52 -3.97 12.30
N SER A 72 -5.10 -4.73 13.31
CA SER A 72 -5.62 -5.03 14.62
C SER A 72 -4.36 -5.00 15.48
N GLU A 73 -4.47 -4.98 16.82
CA GLU A 73 -3.44 -5.05 17.88
C GLU A 73 -2.21 -6.00 17.76
N ASP A 74 -1.24 -5.86 18.71
CA ASP A 74 0.07 -6.53 18.79
C ASP A 74 0.21 -8.04 18.62
N GLU A 75 -0.60 -8.85 19.33
CA GLU A 75 -0.64 -10.30 19.25
C GLU A 75 -1.92 -10.78 18.57
N TYR A 76 -2.67 -9.84 17.95
CA TYR A 76 -4.00 -10.06 17.37
C TYR A 76 -4.02 -9.80 15.88
N PHE A 77 -3.16 -8.88 15.34
CA PHE A 77 -2.99 -8.66 13.86
C PHE A 77 -2.66 -9.92 13.02
N SER A 78 -3.50 -10.10 11.98
CA SER A 78 -3.62 -11.36 11.24
C SER A 78 -3.81 -11.11 9.75
N ALA A 79 -3.59 -12.14 8.89
CA ALA A 79 -3.80 -12.06 7.44
C ALA A 79 -5.23 -12.36 6.96
N GLY A 80 -5.66 -11.60 5.91
CA GLY A 80 -6.96 -11.64 5.24
C GLY A 80 -6.71 -11.20 3.83
N VAL A 81 -7.68 -11.37 2.93
CA VAL A 81 -7.47 -11.32 1.50
C VAL A 81 -7.88 -10.06 0.85
N VAL A 82 -6.95 -9.30 0.19
CA VAL A 82 -7.30 -8.15 -0.67
C VAL A 82 -7.97 -8.69 -1.93
N LYS A 83 -9.20 -8.21 -2.21
CA LYS A 83 -10.03 -8.78 -3.27
C LYS A 83 -10.59 -7.74 -4.20
N GLY A 84 -10.78 -6.48 -3.74
CA GLY A 84 -11.37 -5.43 -4.57
C GLY A 84 -11.21 -4.12 -3.88
N HIS A 85 -10.84 -3.05 -4.62
CA HIS A 85 -10.57 -1.77 -4.00
C HIS A 85 -10.92 -0.54 -4.84
N ARG A 86 -11.21 0.57 -4.11
CA ARG A 86 -11.66 1.82 -4.65
C ARG A 86 -10.90 2.92 -3.96
N LYS A 87 -10.77 4.07 -4.66
CA LYS A 87 -10.40 5.32 -4.05
C LYS A 87 -11.34 6.30 -4.74
N GLU A 88 -12.11 7.06 -3.92
CA GLU A 88 -13.14 7.99 -4.33
C GLU A 88 -12.79 9.34 -3.74
N SER A 89 -13.35 10.45 -4.28
CA SER A 89 -13.14 11.84 -3.89
C SER A 89 -13.58 12.24 -2.47
N GLY A 90 -12.90 11.65 -1.46
CA GLY A 90 -13.11 11.81 -0.03
C GLY A 90 -13.54 10.54 0.64
N GLU A 91 -13.42 9.34 0.00
CA GLU A 91 -13.79 8.06 0.53
C GLU A 91 -12.68 7.11 0.11
N LEU A 92 -12.17 6.24 1.00
CA LEU A 92 -11.11 5.31 0.68
C LEU A 92 -11.60 3.94 1.03
N TYR A 93 -11.56 2.94 0.09
CA TYR A 93 -12.05 1.65 0.51
C TYR A 93 -11.31 0.48 -0.07
N TYR A 94 -10.63 -0.29 0.78
CA TYR A 94 -9.99 -1.55 0.47
C TYR A 94 -10.81 -2.62 1.20
N SER A 95 -11.48 -3.52 0.39
CA SER A 95 -12.28 -4.67 0.82
C SER A 95 -11.37 -5.87 0.97
N ILE A 96 -11.16 -6.21 2.25
CA ILE A 96 -10.23 -7.22 2.74
C ILE A 96 -11.09 -8.34 3.24
N GLU A 97 -10.95 -9.58 2.68
CA GLU A 97 -11.81 -10.72 3.03
C GLU A 97 -11.25 -11.46 4.22
N LYS A 98 -11.98 -11.36 5.34
CA LYS A 98 -11.45 -11.76 6.64
C LYS A 98 -12.53 -12.40 7.46
N GLU A 99 -12.27 -13.59 8.05
CA GLU A 99 -13.16 -14.36 8.93
C GLU A 99 -14.40 -14.95 8.22
N GLY A 100 -14.44 -14.72 6.89
CA GLY A 100 -15.42 -15.22 5.93
C GLY A 100 -16.19 -14.11 5.29
N GLN A 101 -15.98 -12.86 5.77
CA GLN A 101 -16.66 -11.66 5.29
C GLN A 101 -15.71 -10.55 4.97
N ARG A 102 -16.17 -9.50 4.24
CA ARG A 102 -15.32 -8.40 3.81
C ARG A 102 -15.32 -7.25 4.77
N LYS A 103 -14.10 -6.87 5.21
CA LYS A 103 -13.87 -5.71 6.06
C LYS A 103 -13.46 -4.63 5.10
N TRP A 104 -14.27 -3.55 5.04
CA TRP A 104 -14.03 -2.44 4.14
C TRP A 104 -13.32 -1.42 4.98
N TYR A 105 -12.01 -1.31 4.76
CA TYR A 105 -11.14 -0.43 5.50
C TYR A 105 -10.75 0.72 4.62
N LYS A 106 -10.41 1.92 5.16
CA LYS A 106 -9.68 2.93 4.45
C LYS A 106 -8.22 2.47 4.60
N ARG A 107 -7.39 2.54 3.53
CA ARG A 107 -6.05 1.93 3.35
C ARG A 107 -5.10 1.71 4.54
N MET A 108 -5.16 2.54 5.58
CA MET A 108 -4.40 2.46 6.84
C MET A 108 -4.73 1.25 7.76
N ALA A 109 -5.86 0.50 7.53
CA ALA A 109 -6.15 -0.75 8.26
C ALA A 109 -5.88 -2.01 7.45
N VAL A 110 -5.23 -1.85 6.28
CA VAL A 110 -4.72 -2.86 5.42
C VAL A 110 -3.27 -2.49 5.25
N ILE A 111 -2.39 -3.42 5.59
CA ILE A 111 -0.95 -3.27 5.43
C ILE A 111 -0.38 -4.51 4.79
N LEU A 112 0.98 -4.57 4.62
CA LEU A 112 1.64 -5.69 3.97
C LEU A 112 3.03 -6.01 4.50
N SER A 113 3.43 -7.30 4.42
CA SER A 113 4.70 -7.92 4.81
C SER A 113 5.70 -7.83 3.65
N LEU A 114 7.05 -8.16 3.80
CA LEU A 114 7.93 -8.16 2.62
C LEU A 114 7.61 -9.23 1.59
N GLU A 115 7.29 -10.46 1.94
CA GLU A 115 6.87 -11.49 0.96
C GLU A 115 5.51 -11.33 0.25
N GLN A 116 4.68 -10.35 0.73
CA GLN A 116 3.52 -9.73 0.09
C GLN A 116 4.00 -8.69 -0.93
N GLY A 117 4.96 -7.85 -0.48
CA GLY A 117 5.66 -6.76 -1.14
C GLY A 117 6.70 -7.10 -2.19
N ASN A 118 7.64 -8.03 -1.91
CA ASN A 118 8.77 -8.52 -2.70
C ASN A 118 8.36 -9.49 -3.77
N ARG A 119 7.21 -10.19 -3.59
CA ARG A 119 6.60 -11.05 -4.59
C ARG A 119 6.09 -10.22 -5.78
N LEU A 120 5.63 -8.97 -5.43
CA LEU A 120 5.08 -7.86 -6.18
C LEU A 120 6.15 -7.05 -6.80
N ARG A 121 7.28 -6.81 -6.06
CA ARG A 121 8.30 -5.83 -6.37
C ARG A 121 8.92 -5.73 -7.77
N GLU A 122 8.88 -6.88 -8.47
CA GLU A 122 9.33 -7.20 -9.80
C GLU A 122 8.22 -7.07 -10.86
N GLN A 123 6.94 -7.31 -10.46
CA GLN A 123 5.76 -7.33 -11.30
C GLN A 123 4.89 -6.07 -11.24
N TYR A 124 4.60 -5.45 -10.04
CA TYR A 124 3.63 -4.33 -10.07
C TYR A 124 4.01 -3.04 -9.36
N GLY A 125 5.24 -2.81 -8.81
CA GLY A 125 5.25 -1.67 -7.94
C GLY A 125 6.54 -1.67 -7.28
N LEU A 126 6.78 -2.55 -6.25
CA LEU A 126 7.85 -2.53 -5.21
C LEU A 126 9.35 -2.35 -5.55
N GLY A 127 9.62 -1.91 -6.80
CA GLY A 127 10.90 -1.35 -7.21
C GLY A 127 10.89 -0.80 -8.63
N PRO A 128 10.80 0.50 -8.99
CA PRO A 128 10.96 0.96 -10.38
C PRO A 128 12.45 1.16 -10.76
N TYR A 129 13.30 1.46 -9.74
CA TYR A 129 14.72 1.71 -9.74
C TYR A 129 15.28 0.58 -8.88
N GLU A 130 16.08 -0.33 -9.48
CA GLU A 130 16.61 -1.50 -8.80
C GLU A 130 17.79 -2.02 -9.63
N ASN A 8 3.40 11.32 -14.47
CA ASN A 8 2.46 11.93 -15.37
C ASN A 8 1.08 11.41 -15.03
N SER A 9 0.92 10.07 -14.88
CA SER A 9 -0.33 9.40 -14.51
C SER A 9 -0.32 8.96 -13.05
N PHE A 10 0.57 9.60 -12.26
CA PHE A 10 0.82 9.33 -10.84
C PHE A 10 0.26 10.39 -9.94
N VAL A 11 -0.70 11.15 -10.48
CA VAL A 11 -1.53 12.15 -9.84
C VAL A 11 -2.77 11.60 -9.09
N GLY A 12 -3.60 10.65 -9.63
CA GLY A 12 -4.67 9.97 -8.89
C GLY A 12 -4.33 8.51 -8.69
N LEU A 13 -3.13 8.18 -8.16
CA LEU A 13 -2.66 6.84 -7.82
C LEU A 13 -2.69 6.65 -6.32
N ARG A 14 -2.57 5.36 -5.95
CA ARG A 14 -2.68 4.82 -4.59
C ARG A 14 -1.28 4.40 -4.21
N VAL A 15 -0.81 4.56 -2.94
CA VAL A 15 0.59 4.29 -2.62
C VAL A 15 0.69 3.54 -1.30
N VAL A 16 1.84 2.88 -1.01
CA VAL A 16 2.07 2.14 0.24
C VAL A 16 3.44 2.46 0.73
N ALA A 17 3.61 2.57 2.08
CA ALA A 17 4.80 3.11 2.71
C ALA A 17 5.70 2.13 3.42
N LYS A 18 6.88 1.84 2.83
CA LYS A 18 7.95 1.02 3.36
C LYS A 18 9.09 1.97 3.73
N TRP A 19 9.67 2.06 4.96
CA TRP A 19 10.83 2.95 5.17
C TRP A 19 12.19 2.26 4.96
N SER A 20 12.75 1.70 6.06
CA SER A 20 13.96 0.89 6.08
C SER A 20 13.38 -0.49 6.39
N SER A 21 13.99 -1.63 5.93
CA SER A 21 13.35 -2.95 6.03
C SER A 21 12.95 -3.44 7.43
N ASN A 22 11.61 -3.41 7.64
CA ASN A 22 10.90 -3.59 8.88
C ASN A 22 10.03 -4.83 8.80
N GLY A 23 9.72 -5.19 7.54
CA GLY A 23 8.96 -6.37 7.16
C GLY A 23 7.55 -6.07 6.78
N TYR A 24 6.97 -4.91 7.14
CA TYR A 24 5.66 -4.44 6.74
C TYR A 24 5.60 -2.97 6.33
N PHE A 25 4.58 -2.64 5.46
CA PHE A 25 4.29 -1.35 4.81
C PHE A 25 2.94 -0.84 5.28
N TYR A 26 2.95 0.49 5.49
CA TYR A 26 1.96 1.42 6.01
C TYR A 26 1.25 2.14 4.88
N SER A 27 0.34 3.10 5.17
CA SER A 27 -0.45 3.82 4.17
C SER A 27 0.19 4.93 3.35
N GLY A 28 -0.21 5.02 2.05
CA GLY A 28 -0.02 6.18 1.22
C GLY A 28 -1.19 6.53 0.31
N LYS A 29 -1.17 7.81 -0.19
CA LYS A 29 -1.97 8.38 -1.27
C LYS A 29 -1.06 9.35 -2.05
N ILE A 30 -1.14 9.50 -3.39
CA ILE A 30 -0.16 10.35 -4.10
C ILE A 30 -0.55 11.80 -4.38
N THR A 31 0.47 12.70 -4.54
CA THR A 31 0.26 14.09 -4.93
C THR A 31 0.79 14.30 -6.34
N ARG A 32 2.06 13.86 -6.63
CA ARG A 32 2.71 14.05 -7.92
C ARG A 32 3.74 12.93 -7.95
N ASP A 33 4.46 12.70 -9.07
CA ASP A 33 5.66 11.84 -9.10
C ASP A 33 6.92 12.69 -8.84
N VAL A 34 8.05 12.07 -8.42
CA VAL A 34 9.33 12.78 -8.30
C VAL A 34 10.23 12.01 -9.26
N GLY A 35 10.83 12.69 -10.26
CA GLY A 35 11.67 12.21 -11.38
C GLY A 35 11.58 10.77 -11.90
N ALA A 36 12.71 10.02 -11.78
CA ALA A 36 12.88 8.59 -12.03
C ALA A 36 13.03 7.86 -10.73
N GLY A 37 12.14 6.88 -10.49
CA GLY A 37 12.14 5.99 -9.34
C GLY A 37 11.39 6.52 -8.16
N LYS A 38 10.99 7.80 -8.15
CA LYS A 38 10.38 8.43 -6.99
C LYS A 38 8.92 8.85 -7.17
N TYR A 39 8.23 9.05 -5.99
CA TYR A 39 6.82 9.43 -5.81
C TYR A 39 6.74 10.53 -4.73
N LYS A 40 5.86 11.58 -4.88
CA LYS A 40 5.67 12.75 -4.01
C LYS A 40 4.30 12.50 -3.49
N LEU A 41 4.32 12.17 -2.20
CA LEU A 41 3.19 11.52 -1.61
C LEU A 41 2.74 12.06 -0.30
N LEU A 42 1.49 11.75 0.09
CA LEU A 42 1.03 12.04 1.41
C LEU A 42 0.43 10.79 1.97
N PHE A 43 0.43 10.49 3.29
CA PHE A 43 -0.23 9.25 3.78
C PHE A 43 -1.74 9.50 3.92
N ASP A 44 -2.67 8.50 3.92
CA ASP A 44 -4.14 8.74 4.12
C ASP A 44 -4.53 9.29 5.50
N ASP A 45 -3.51 9.35 6.38
CA ASP A 45 -3.46 9.91 7.71
C ASP A 45 -2.70 11.27 7.78
N GLY A 46 -2.09 11.81 6.67
CA GLY A 46 -1.54 13.17 6.58
C GLY A 46 -0.06 13.40 6.75
N TYR A 47 0.79 12.36 6.70
CA TYR A 47 2.24 12.47 6.79
C TYR A 47 2.83 12.41 5.36
N GLU A 48 3.34 13.55 4.84
CA GLU A 48 3.92 13.69 3.50
C GLU A 48 5.44 13.73 3.47
N CYS A 49 6.00 13.43 2.26
CA CYS A 49 7.42 13.47 2.01
C CYS A 49 7.52 13.44 0.51
N ASP A 50 8.75 13.49 -0.04
CA ASP A 50 9.00 13.12 -1.43
C ASP A 50 9.96 11.99 -1.19
N VAL A 51 9.76 10.82 -1.82
CA VAL A 51 10.61 9.68 -1.55
C VAL A 51 10.77 8.85 -2.77
N LEU A 52 11.76 7.92 -2.70
CA LEU A 52 12.08 6.92 -3.69
C LEU A 52 11.17 5.73 -3.56
N GLY A 53 10.73 5.15 -4.70
CA GLY A 53 9.50 4.36 -4.72
C GLY A 53 9.69 2.93 -4.31
N LYS A 54 10.89 2.54 -3.83
CA LYS A 54 11.10 1.26 -3.16
C LYS A 54 10.79 1.44 -1.68
N ASP A 55 10.35 2.67 -1.32
CA ASP A 55 9.86 3.16 -0.05
C ASP A 55 8.37 3.43 -0.20
N ILE A 56 7.93 4.61 -0.69
CA ILE A 56 6.49 4.94 -0.81
C ILE A 56 6.07 5.08 -2.29
N LEU A 57 5.35 4.05 -2.82
CA LEU A 57 4.99 3.80 -4.22
C LEU A 57 3.62 3.42 -4.63
N LEU A 58 3.29 3.59 -5.95
CA LEU A 58 2.16 3.17 -6.76
C LEU A 58 1.77 1.71 -6.63
N CYS A 59 0.71 1.52 -5.87
CA CYS A 59 0.23 0.30 -5.38
C CYS A 59 -1.01 -0.15 -6.15
N ASP A 60 -1.34 -1.37 -5.78
CA ASP A 60 -2.58 -2.14 -5.99
C ASP A 60 -3.40 -2.07 -4.69
N PRO A 61 -2.93 -2.26 -3.42
CA PRO A 61 -1.55 -2.41 -2.96
C PRO A 61 -0.92 -3.71 -3.32
N ILE A 62 -1.41 -4.79 -2.71
CA ILE A 62 -0.94 -6.14 -2.88
C ILE A 62 -2.00 -6.94 -3.66
N PRO A 63 -1.61 -8.07 -4.30
CA PRO A 63 -2.36 -8.79 -5.36
C PRO A 63 -3.71 -9.37 -4.92
N LEU A 64 -4.81 -9.23 -5.69
CA LEU A 64 -6.24 -9.60 -5.59
C LEU A 64 -6.71 -11.02 -5.22
N ASP A 65 -5.72 -11.75 -4.78
CA ASP A 65 -5.61 -13.12 -4.35
C ASP A 65 -4.93 -13.24 -3.00
N THR A 66 -4.72 -12.10 -2.26
CA THR A 66 -3.69 -12.03 -1.25
C THR A 66 -4.15 -11.84 0.10
N GLU A 67 -3.83 -12.80 0.95
CA GLU A 67 -3.89 -12.67 2.39
C GLU A 67 -2.91 -11.61 2.95
N VAL A 68 -3.46 -10.39 3.14
CA VAL A 68 -2.92 -9.11 3.63
C VAL A 68 -3.26 -9.04 5.05
N THR A 69 -2.72 -8.06 5.77
CA THR A 69 -2.90 -8.09 7.23
C THR A 69 -3.91 -7.03 7.60
N ALA A 70 -4.80 -7.33 8.56
CA ALA A 70 -5.83 -6.43 8.99
C ALA A 70 -5.46 -5.86 10.36
N LEU A 71 -5.70 -4.55 10.58
CA LEU A 71 -5.24 -3.86 11.80
C LEU A 71 -5.84 -4.22 13.17
N SER A 72 -4.93 -4.85 13.93
CA SER A 72 -4.86 -5.28 15.31
C SER A 72 -3.40 -4.93 15.61
N GLU A 73 -2.92 -4.94 16.86
CA GLU A 73 -1.54 -4.75 17.31
C GLU A 73 -0.32 -5.36 16.52
N ASP A 74 0.89 -4.85 16.84
CA ASP A 74 2.22 -5.10 16.23
C ASP A 74 2.71 -6.51 15.85
N GLU A 75 2.62 -7.49 16.78
CA GLU A 75 2.93 -8.90 16.58
C GLU A 75 1.67 -9.77 16.63
N TYR A 76 0.47 -9.13 16.61
CA TYR A 76 -0.83 -9.76 16.82
C TYR A 76 -1.69 -9.69 15.58
N PHE A 77 -1.55 -8.60 14.77
CA PHE A 77 -2.28 -8.42 13.48
C PHE A 77 -2.17 -9.58 12.46
N SER A 78 -3.33 -9.88 11.84
CA SER A 78 -3.52 -11.16 11.15
C SER A 78 -4.29 -10.98 9.87
N ALA A 79 -4.18 -11.98 8.95
CA ALA A 79 -4.68 -11.89 7.59
C ALA A 79 -6.14 -12.18 7.22
N GLY A 80 -6.46 -11.61 6.03
CA GLY A 80 -7.70 -11.65 5.28
C GLY A 80 -7.28 -11.36 3.89
N VAL A 81 -8.10 -11.65 2.87
CA VAL A 81 -7.74 -11.65 1.47
C VAL A 81 -8.18 -10.43 0.78
N VAL A 82 -7.19 -9.64 0.20
CA VAL A 82 -7.49 -8.52 -0.68
C VAL A 82 -7.95 -9.08 -2.01
N LYS A 83 -9.04 -8.49 -2.54
CA LYS A 83 -9.68 -8.96 -3.76
C LYS A 83 -10.05 -7.84 -4.72
N GLY A 84 -10.38 -6.62 -4.24
CA GLY A 84 -10.86 -5.57 -5.13
C GLY A 84 -10.61 -4.24 -4.51
N HIS A 85 -10.05 -3.28 -5.29
CA HIS A 85 -9.62 -1.98 -4.79
C HIS A 85 -9.85 -0.76 -5.69
N ARG A 86 -10.10 0.42 -5.02
CA ARG A 86 -10.30 1.71 -5.64
C ARG A 86 -9.33 2.70 -5.03
N LYS A 87 -9.19 3.86 -5.70
CA LYS A 87 -8.67 5.07 -5.11
C LYS A 87 -9.50 6.23 -5.59
N GLU A 88 -9.65 7.25 -4.73
CA GLU A 88 -10.36 8.49 -4.96
C GLU A 88 -9.35 9.57 -4.56
N SER A 89 -9.50 10.84 -5.00
CA SER A 89 -8.57 11.94 -4.68
C SER A 89 -8.64 12.44 -3.22
N GLY A 90 -8.12 11.63 -2.28
CA GLY A 90 -8.13 11.84 -0.84
C GLY A 90 -8.92 10.81 -0.07
N GLU A 91 -9.39 9.71 -0.73
CA GLU A 91 -10.13 8.64 -0.12
C GLU A 91 -9.51 7.40 -0.72
N LEU A 92 -9.49 6.29 0.01
CA LEU A 92 -8.84 5.06 -0.40
C LEU A 92 -9.87 4.05 -0.09
N TYR A 93 -10.19 3.05 -0.95
CA TYR A 93 -11.04 2.04 -0.37
C TYR A 93 -10.65 0.72 -0.96
N TYR A 94 -10.61 -0.31 -0.12
CA TYR A 94 -10.60 -1.66 -0.60
C TYR A 94 -11.24 -2.65 0.30
N SER A 95 -11.47 -3.82 -0.35
CA SER A 95 -12.19 -4.96 0.17
C SER A 95 -11.25 -6.07 0.56
N ILE A 96 -11.43 -6.53 1.84
CA ILE A 96 -10.66 -7.61 2.44
C ILE A 96 -11.67 -8.63 2.88
N GLU A 97 -11.48 -9.91 2.46
CA GLU A 97 -12.35 -11.03 2.85
C GLU A 97 -11.70 -11.75 4.02
N LYS A 98 -12.22 -11.63 5.26
CA LYS A 98 -11.45 -12.03 6.43
C LYS A 98 -12.23 -12.63 7.55
N GLU A 99 -11.66 -13.69 8.21
CA GLU A 99 -12.17 -14.37 9.40
C GLU A 99 -13.51 -15.11 9.18
N GLY A 100 -13.95 -15.08 7.91
CA GLY A 100 -15.12 -15.75 7.35
C GLY A 100 -16.09 -14.76 6.78
N GLN A 101 -15.86 -13.45 6.97
CA GLN A 101 -16.74 -12.38 6.50
C GLN A 101 -16.00 -11.25 5.85
N ARG A 102 -16.71 -10.30 5.21
CA ARG A 102 -16.10 -9.18 4.50
C ARG A 102 -15.87 -7.97 5.37
N LYS A 103 -14.68 -7.32 5.18
CA LYS A 103 -14.32 -6.08 5.86
C LYS A 103 -14.02 -5.08 4.76
N TRP A 104 -14.55 -3.83 4.86
CA TRP A 104 -14.29 -2.76 3.92
C TRP A 104 -13.53 -1.68 4.71
N TYR A 105 -12.32 -1.33 4.24
CA TYR A 105 -11.40 -0.34 4.79
C TYR A 105 -10.93 0.63 3.73
N LYS A 106 -10.13 1.64 4.15
CA LYS A 106 -9.28 2.53 3.45
C LYS A 106 -7.92 1.99 3.95
N ARG A 107 -6.80 2.35 3.28
CA ARG A 107 -5.39 1.90 3.56
C ARG A 107 -4.94 1.59 5.00
N MET A 108 -5.27 2.47 5.97
CA MET A 108 -4.85 2.45 7.37
C MET A 108 -5.35 1.28 8.24
N ALA A 109 -6.39 0.51 7.79
CA ALA A 109 -6.83 -0.70 8.48
C ALA A 109 -6.43 -2.00 7.83
N VAL A 110 -5.93 -1.93 6.60
CA VAL A 110 -5.49 -3.04 5.77
C VAL A 110 -4.05 -2.86 5.24
N ILE A 111 -3.08 -3.43 5.95
CA ILE A 111 -1.63 -3.31 5.72
C ILE A 111 -1.03 -4.47 4.93
N LEU A 112 0.31 -4.44 4.61
CA LEU A 112 0.96 -5.56 3.88
C LEU A 112 2.43 -5.80 4.29
N SER A 113 2.99 -7.03 4.14
CA SER A 113 4.38 -7.39 4.51
C SER A 113 5.33 -7.55 3.31
N LEU A 114 6.70 -7.66 3.47
CA LEU A 114 7.67 -7.80 2.35
C LEU A 114 7.49 -9.01 1.49
N GLU A 115 7.35 -10.25 1.92
CA GLU A 115 7.09 -11.36 0.94
C GLU A 115 5.78 -11.39 0.14
N GLN A 116 4.81 -10.51 0.54
CA GLN A 116 3.64 -10.05 -0.20
C GLN A 116 3.99 -8.84 -1.10
N GLY A 117 4.94 -7.99 -0.64
CA GLY A 117 5.57 -6.83 -1.24
C GLY A 117 6.60 -7.14 -2.30
N ASN A 118 7.62 -7.98 -2.04
CA ASN A 118 8.74 -8.43 -2.87
C ASN A 118 8.31 -9.36 -4.00
N ARG A 119 7.18 -10.10 -3.79
CA ARG A 119 6.58 -10.97 -4.80
C ARG A 119 5.93 -10.14 -5.93
N LEU A 120 5.44 -8.92 -5.53
CA LEU A 120 4.80 -7.83 -6.26
C LEU A 120 5.83 -6.88 -6.81
N ARG A 121 6.80 -6.44 -5.99
CA ARG A 121 7.74 -5.34 -6.18
C ARG A 121 8.30 -5.03 -7.58
N GLU A 122 8.70 -6.10 -8.32
CA GLU A 122 9.21 -6.08 -9.68
C GLU A 122 8.13 -6.18 -10.77
N GLN A 123 6.89 -6.64 -10.42
CA GLN A 123 5.75 -6.78 -11.31
C GLN A 123 4.77 -5.61 -11.17
N TYR A 124 4.37 -5.14 -9.93
CA TYR A 124 3.34 -4.08 -9.86
C TYR A 124 3.66 -2.77 -9.16
N GLY A 125 4.71 -2.58 -8.28
CA GLY A 125 4.72 -1.31 -7.66
C GLY A 125 5.91 -1.34 -6.79
N LEU A 126 5.98 -2.31 -5.82
CA LEU A 126 6.82 -2.36 -4.61
C LEU A 126 8.34 -2.06 -4.68
N GLY A 127 8.86 -1.71 -5.88
CA GLY A 127 10.19 -1.06 -6.00
C GLY A 127 10.71 -0.74 -7.40
N PRO A 128 10.67 0.46 -8.06
CA PRO A 128 11.21 0.69 -9.40
C PRO A 128 12.75 0.86 -9.41
N TYR A 129 13.44 0.91 -8.23
CA TYR A 129 14.88 0.92 -8.11
C TYR A 129 15.31 -0.34 -7.35
N GLU A 130 16.31 -1.07 -7.89
CA GLU A 130 16.91 -2.26 -7.32
C GLU A 130 18.40 -1.99 -7.41
#